data_5DTE
#
_entry.id   5DTE
#
_cell.length_a   62.190
_cell.length_b   63.218
_cell.length_c   71.201
_cell.angle_alpha   101.130
_cell.angle_beta   103.290
_cell.angle_gamma   91.350
#
_symmetry.space_group_name_H-M   'P 1'
#
loop_
_entity.id
_entity.type
_entity.pdbx_description
1 polymer 'Monosaccharide-transporting ATPase'
2 non-polymer beta-D-allopyranose
3 water water
#
_entity_poly.entity_id   1
_entity_poly.type   'polypeptide(L)'
_entity_poly.pdbx_seq_one_letter_code
;MHHHHHHSSGVDLGTENLYFQSMADKPQIALLMKTLSNEYFISMRQGAEETAKQKDIDLIVQVAEKEDSTEQLVGLVENM
IAKKVDAIIVTPNDSIAFIPAFQKAEKAGIPIIDLDVRLDAKAAEAAGLKFNYVGVDNFNGGYLEAKNLAEAIGKKGNVA
ILEGIPGVDNGEQRKGGALKAFAEYPDIKIVASQSANWETEQALNVTTNILTANPNINGIFAANDNMAIGAVTAVENAGL
AGKVLVSGYDGIPLAIEYVKQGKMQNTIDQLPKKQVAIAIEHALKQINKQEIPSVYYVDPVVVDKEQSKNY
;
_entity_poly.pdbx_strand_id   A,B,C,D
#
loop_
_chem_comp.id
_chem_comp.type
_chem_comp.name
_chem_comp.formula
ALL D-saccharide, beta linking beta-D-allopyranose 'C6 H12 O6'
#
# COMPACT_ATOMS: atom_id res chain seq x y z
N LYS A 26 -38.17 -1.32 -20.56
CA LYS A 26 -37.54 -1.73 -19.31
C LYS A 26 -36.20 -1.06 -19.14
N PRO A 27 -36.14 0.03 -18.36
CA PRO A 27 -34.97 0.91 -18.27
C PRO A 27 -33.73 0.18 -17.80
N GLN A 28 -32.59 0.50 -18.40
CA GLN A 28 -31.33 -0.22 -18.19
C GLN A 28 -30.31 0.67 -17.47
N ILE A 29 -30.01 0.34 -16.21
CA ILE A 29 -29.19 1.20 -15.33
C ILE A 29 -27.86 0.54 -14.96
N ALA A 30 -26.77 1.30 -15.01
CA ALA A 30 -25.48 0.72 -14.67
C ALA A 30 -25.09 1.09 -13.25
N LEU A 31 -24.53 0.11 -12.54
CA LEU A 31 -23.95 0.32 -11.23
C LEU A 31 -22.45 0.02 -11.33
N LEU A 32 -21.62 1.04 -11.11
CA LEU A 32 -20.19 0.88 -11.34
C LEU A 32 -19.41 1.08 -10.06
N MET A 33 -18.80 0.00 -9.60
CA MET A 33 -18.29 -0.03 -8.23
C MET A 33 -16.77 -0.14 -8.16
N LYS A 34 -16.20 0.51 -7.16
CA LYS A 34 -14.75 0.53 -7.00
C LYS A 34 -14.20 -0.81 -6.52
N THR A 35 -15.06 -1.60 -5.87
CA THR A 35 -14.67 -2.93 -5.42
C THR A 35 -15.89 -3.77 -5.00
N LEU A 36 -15.67 -5.07 -4.88
CA LEU A 36 -16.65 -5.99 -4.31
C LEU A 36 -15.96 -6.89 -3.28
N SER A 37 -14.64 -6.72 -3.17
CA SER A 37 -13.81 -7.43 -2.19
C SER A 37 -14.25 -7.15 -0.75
N ASN A 38 -14.75 -5.94 -0.52
CA ASN A 38 -15.30 -5.55 0.77
C ASN A 38 -16.67 -6.21 1.00
N GLU A 39 -16.97 -6.56 2.24
CA GLU A 39 -18.27 -7.13 2.54
C GLU A 39 -19.35 -6.05 2.45
N TYR A 40 -19.00 -4.84 2.85
CA TYR A 40 -19.89 -3.70 2.77
C TYR A 40 -20.50 -3.49 1.36
N PHE A 41 -19.68 -3.59 0.32
CA PHE A 41 -20.19 -3.38 -1.04
C PHE A 41 -20.95 -4.59 -1.56
N ILE A 42 -20.53 -5.78 -1.15
CA ILE A 42 -21.29 -7.01 -1.35
C ILE A 42 -22.71 -6.82 -0.84
N SER A 43 -22.82 -6.12 0.28
CA SER A 43 -24.11 -5.85 0.94
C SER A 43 -24.93 -4.86 0.17
N MET A 44 -24.24 -3.88 -0.39
CA MET A 44 -24.88 -2.81 -1.12
C MET A 44 -25.29 -3.31 -2.49
N ARG A 45 -24.44 -4.15 -3.08
CA ARG A 45 -24.75 -4.70 -4.38
C ARG A 45 -26.00 -5.57 -4.27
N GLN A 46 -26.12 -6.33 -3.18
CA GLN A 46 -27.27 -7.20 -2.97
C GLN A 46 -28.55 -6.40 -2.78
N GLY A 47 -28.51 -5.36 -1.95
CA GLY A 47 -29.62 -4.45 -1.82
C GLY A 47 -29.96 -3.76 -3.12
N ALA A 48 -28.95 -3.52 -3.95
CA ALA A 48 -29.14 -2.90 -5.26
C ALA A 48 -29.98 -3.79 -6.16
N GLU A 49 -29.76 -5.09 -6.07
CA GLU A 49 -30.43 -6.04 -6.94
C GLU A 49 -31.86 -6.33 -6.48
N GLU A 50 -32.08 -6.26 -5.17
CA GLU A 50 -33.42 -6.32 -4.62
C GLU A 50 -34.28 -5.12 -5.04
N THR A 51 -33.69 -3.93 -5.04
CA THR A 51 -34.40 -2.73 -5.49
C THR A 51 -34.63 -2.79 -7.01
N ALA A 52 -33.69 -3.38 -7.73
CA ALA A 52 -33.80 -3.51 -9.17
C ALA A 52 -34.99 -4.40 -9.52
N LYS A 53 -35.00 -5.61 -8.96
CA LYS A 53 -36.12 -6.57 -9.10
C LYS A 53 -37.48 -5.95 -8.75
N GLN A 54 -37.54 -5.26 -7.61
CA GLN A 54 -38.75 -4.59 -7.16
C GLN A 54 -39.22 -3.55 -8.16
N LYS A 55 -38.29 -2.79 -8.75
CA LYS A 55 -38.68 -1.69 -9.63
C LYS A 55 -38.55 -2.04 -11.12
N ASP A 56 -38.48 -3.32 -11.43
CA ASP A 56 -38.46 -3.78 -12.81
C ASP A 56 -37.36 -3.11 -13.66
N ILE A 57 -36.19 -2.96 -13.07
CA ILE A 57 -35.01 -2.36 -13.71
C ILE A 57 -34.02 -3.44 -14.17
N ASP A 58 -33.50 -3.31 -15.38
CA ASP A 58 -32.38 -4.15 -15.83
C ASP A 58 -31.09 -3.57 -15.31
N LEU A 59 -30.42 -4.28 -14.40
CA LEU A 59 -29.25 -3.74 -13.66
C LEU A 59 -27.88 -4.32 -14.06
N ILE A 60 -26.96 -3.44 -14.41
CA ILE A 60 -25.66 -3.84 -14.96
C ILE A 60 -24.50 -3.50 -14.04
N VAL A 61 -24.01 -4.50 -13.31
CA VAL A 61 -22.90 -4.31 -12.36
C VAL A 61 -21.53 -4.58 -12.99
N GLN A 62 -20.65 -3.59 -12.90
CA GLN A 62 -19.26 -3.75 -13.31
C GLN A 62 -18.38 -3.23 -12.21
N VAL A 63 -17.35 -4.00 -11.89
CA VAL A 63 -16.50 -3.69 -10.77
C VAL A 63 -15.10 -3.42 -11.30
N ALA A 64 -14.44 -2.42 -10.71
CA ALA A 64 -13.06 -2.13 -11.00
C ALA A 64 -12.16 -3.23 -10.42
N GLU A 65 -10.98 -3.42 -10.99
CA GLU A 65 -10.14 -4.56 -10.60
C GLU A 65 -9.36 -4.29 -9.31
N LYS A 66 -8.47 -3.32 -9.27
CA LYS A 66 -7.97 -2.96 -7.95
C LYS A 66 -8.86 -1.82 -7.43
N GLU A 67 -8.99 -1.75 -6.11
CA GLU A 67 -9.88 -0.78 -5.51
C GLU A 67 -9.41 0.62 -5.84
N ASP A 68 -8.09 0.79 -5.91
CA ASP A 68 -7.48 2.11 -6.11
C ASP A 68 -7.22 2.51 -7.57
N SER A 69 -7.54 1.66 -8.55
CA SER A 69 -7.33 2.08 -9.92
C SER A 69 -8.46 2.99 -10.35
N THR A 70 -8.17 4.28 -10.34
CA THR A 70 -9.10 5.31 -10.77
C THR A 70 -9.39 5.24 -12.27
N GLU A 71 -8.35 5.12 -13.08
CA GLU A 71 -8.46 5.19 -14.55
C GLU A 71 -9.44 4.19 -15.08
N GLN A 72 -9.29 2.95 -14.62
CA GLN A 72 -10.11 1.83 -15.08
C GLN A 72 -11.59 2.03 -14.80
N LEU A 73 -11.89 2.69 -13.67
CA LEU A 73 -13.28 2.95 -13.31
C LEU A 73 -13.92 4.00 -14.21
N VAL A 74 -13.17 5.06 -14.48
CA VAL A 74 -13.56 6.05 -15.48
C VAL A 74 -13.74 5.34 -16.80
N GLY A 75 -12.82 4.43 -17.09
CA GLY A 75 -12.94 3.57 -18.25
C GLY A 75 -14.34 3.02 -18.31
N LEU A 76 -14.80 2.45 -17.20
CA LEU A 76 -16.11 1.83 -17.10
C LEU A 76 -17.28 2.80 -17.30
N VAL A 77 -17.18 3.99 -16.71
CA VAL A 77 -18.26 4.95 -16.82
C VAL A 77 -18.49 5.31 -18.27
N GLU A 78 -17.41 5.69 -18.94
CA GLU A 78 -17.46 6.10 -20.34
C GLU A 78 -17.99 4.99 -21.27
N ASN A 79 -17.67 3.75 -20.95
CA ASN A 79 -18.23 2.62 -21.69
C ASN A 79 -19.75 2.70 -21.67
N MET A 80 -20.30 2.86 -20.47
CA MET A 80 -21.74 2.93 -20.28
C MET A 80 -22.38 4.13 -21.02
N ILE A 81 -21.69 5.26 -21.01
CA ILE A 81 -22.07 6.41 -21.83
C ILE A 81 -22.11 6.00 -23.30
N ALA A 82 -21.07 5.30 -23.73
CA ALA A 82 -20.95 4.84 -25.12
C ALA A 82 -22.08 3.89 -25.50
N LYS A 83 -22.49 3.06 -24.56
CA LYS A 83 -23.56 2.09 -24.78
C LYS A 83 -24.95 2.74 -24.66
N LYS A 84 -24.97 4.02 -24.31
CA LYS A 84 -26.21 4.78 -24.09
C LYS A 84 -27.13 4.00 -23.17
N VAL A 85 -26.61 3.70 -22.00
CA VAL A 85 -27.37 3.12 -20.93
C VAL A 85 -28.38 4.19 -20.43
N ASP A 86 -29.44 3.78 -19.73
CA ASP A 86 -30.48 4.75 -19.36
C ASP A 86 -30.08 5.64 -18.16
N ALA A 87 -29.42 5.05 -17.17
CA ALA A 87 -28.78 5.81 -16.09
C ALA A 87 -27.50 5.11 -15.58
N ILE A 88 -26.66 5.89 -14.89
CA ILE A 88 -25.49 5.34 -14.22
C ILE A 88 -25.41 5.75 -12.73
N ILE A 89 -25.17 4.74 -11.90
CA ILE A 89 -24.84 4.96 -10.50
C ILE A 89 -23.38 4.57 -10.31
N VAL A 90 -22.55 5.53 -9.93
CA VAL A 90 -21.15 5.24 -9.74
C VAL A 90 -20.67 5.66 -8.34
N THR A 91 -19.81 4.83 -7.78
CA THR A 91 -19.11 5.08 -6.52
C THR A 91 -17.67 5.43 -6.86
N PRO A 92 -17.39 6.73 -7.04
CA PRO A 92 -16.09 7.22 -7.52
C PRO A 92 -14.87 6.72 -6.75
N ASN A 93 -13.71 7.05 -7.31
CA ASN A 93 -12.43 6.45 -7.01
C ASN A 93 -11.43 7.55 -6.75
N ASP A 94 -11.94 8.76 -6.79
CA ASP A 94 -11.12 9.95 -6.85
C ASP A 94 -12.08 11.14 -6.95
N SER A 95 -11.94 12.12 -6.07
CA SER A 95 -12.97 13.16 -5.99
C SER A 95 -12.96 14.04 -7.24
N ILE A 96 -11.84 14.03 -7.95
CA ILE A 96 -11.62 14.96 -9.03
C ILE A 96 -11.55 14.31 -10.41
N ALA A 97 -10.91 13.15 -10.48
CA ALA A 97 -10.70 12.42 -11.73
C ALA A 97 -11.96 12.17 -12.54
N PHE A 98 -13.08 11.98 -11.84
CA PHE A 98 -14.35 11.66 -12.51
C PHE A 98 -15.17 12.84 -13.01
N ILE A 99 -14.69 14.06 -12.80
CA ILE A 99 -15.44 15.22 -13.27
C ILE A 99 -15.59 15.29 -14.79
N PRO A 100 -14.50 15.09 -15.57
CA PRO A 100 -14.71 15.13 -17.02
C PRO A 100 -15.65 14.04 -17.49
N ALA A 101 -15.66 12.93 -16.75
CA ALA A 101 -16.54 11.80 -17.04
C ALA A 101 -18.01 12.19 -16.85
N PHE A 102 -18.30 12.83 -15.71
CA PHE A 102 -19.65 13.26 -15.38
C PHE A 102 -20.18 14.30 -16.37
N GLN A 103 -19.34 15.24 -16.79
CA GLN A 103 -19.81 16.26 -17.71
C GLN A 103 -19.78 15.78 -19.17
N LYS A 104 -19.30 14.57 -19.41
CA LYS A 104 -19.55 13.88 -20.67
C LYS A 104 -20.94 13.21 -20.65
N ALA A 105 -21.37 12.78 -19.48
CA ALA A 105 -22.64 12.08 -19.31
C ALA A 105 -23.77 13.05 -19.38
N GLU A 106 -23.50 14.31 -19.01
CA GLU A 106 -24.49 15.36 -19.13
C GLU A 106 -24.69 15.72 -20.62
N LYS A 107 -23.62 15.59 -21.41
CA LYS A 107 -23.67 15.93 -22.83
C LYS A 107 -24.30 14.81 -23.63
N ALA A 108 -24.35 13.63 -23.03
CA ALA A 108 -25.06 12.51 -23.63
C ALA A 108 -26.45 12.35 -23.01
N GLY A 109 -26.84 13.34 -22.20
CA GLY A 109 -28.19 13.38 -21.65
C GLY A 109 -28.55 12.16 -20.84
N ILE A 110 -27.54 11.55 -20.23
CA ILE A 110 -27.69 10.41 -19.33
C ILE A 110 -27.59 10.87 -17.87
N PRO A 111 -28.68 10.75 -17.11
CA PRO A 111 -28.61 11.03 -15.67
C PRO A 111 -27.57 10.16 -14.97
N ILE A 112 -26.98 10.68 -13.90
CA ILE A 112 -25.87 10.01 -13.27
C ILE A 112 -25.76 10.39 -11.80
N ILE A 113 -25.71 9.38 -10.95
CA ILE A 113 -25.71 9.54 -9.51
C ILE A 113 -24.35 9.23 -8.91
N ASP A 114 -23.78 10.21 -8.22
CA ASP A 114 -22.53 10.01 -7.52
C ASP A 114 -22.80 9.37 -6.14
N LEU A 115 -22.52 8.08 -6.02
CA LEU A 115 -22.77 7.32 -4.77
C LEU A 115 -21.50 7.20 -3.93
N ASP A 116 -21.67 7.15 -2.60
CA ASP A 116 -20.61 6.89 -1.60
C ASP A 116 -19.53 7.96 -1.44
N VAL A 117 -18.59 8.00 -2.39
CA VAL A 117 -17.47 8.93 -2.35
C VAL A 117 -17.86 10.22 -3.08
N ARG A 118 -17.71 11.36 -2.41
CA ARG A 118 -18.22 12.62 -2.97
C ARG A 118 -17.19 13.35 -3.79
N LEU A 119 -17.59 13.73 -5.00
CA LEU A 119 -16.75 14.52 -5.92
C LEU A 119 -16.41 15.91 -5.33
N ASP A 120 -15.21 16.41 -5.65
CA ASP A 120 -14.75 17.70 -5.15
C ASP A 120 -15.73 18.80 -5.54
N ALA A 121 -16.33 19.46 -4.56
CA ALA A 121 -17.34 20.48 -4.82
C ALA A 121 -16.73 21.69 -5.53
N LYS A 122 -15.65 22.23 -4.98
CA LYS A 122 -15.01 23.40 -5.57
C LYS A 122 -14.50 23.13 -6.98
N ALA A 123 -14.06 21.91 -7.24
CA ALA A 123 -13.57 21.51 -8.57
C ALA A 123 -14.72 21.35 -9.59
N ALA A 124 -15.82 20.78 -9.10
CA ALA A 124 -17.06 20.67 -9.86
C ALA A 124 -17.65 22.04 -10.19
N GLU A 125 -17.53 22.96 -9.24
CA GLU A 125 -17.98 24.33 -9.45
C GLU A 125 -17.23 24.96 -10.60
N ALA A 126 -15.91 24.76 -10.57
CA ALA A 126 -14.98 25.35 -11.52
C ALA A 126 -15.32 24.99 -12.97
N ALA A 127 -15.75 23.75 -13.18
CA ALA A 127 -15.95 23.21 -14.51
C ALA A 127 -17.41 23.26 -14.98
N GLY A 128 -18.24 24.06 -14.30
CA GLY A 128 -19.63 24.23 -14.69
C GLY A 128 -20.51 22.99 -14.51
N LEU A 129 -20.01 22.02 -13.74
CA LEU A 129 -20.69 20.75 -13.55
C LEU A 129 -21.73 20.76 -12.44
N LYS A 130 -22.95 20.36 -12.78
CA LYS A 130 -23.98 20.06 -11.80
C LYS A 130 -24.04 18.56 -11.61
N PHE A 131 -23.86 18.09 -10.38
CA PHE A 131 -23.86 16.66 -10.11
C PHE A 131 -24.61 16.35 -8.83
N ASN A 132 -25.07 15.11 -8.70
CA ASN A 132 -25.95 14.74 -7.60
C ASN A 132 -25.37 13.61 -6.77
N TYR A 133 -25.20 13.81 -5.46
CA TYR A 133 -24.60 12.81 -4.57
C TYR A 133 -25.64 12.14 -3.68
N VAL A 134 -25.32 10.91 -3.27
CA VAL A 134 -26.06 10.19 -2.24
C VAL A 134 -25.07 9.46 -1.33
N GLY A 135 -25.11 9.75 -0.02
CA GLY A 135 -24.25 9.05 0.94
C GLY A 135 -24.58 9.21 2.41
N VAL A 136 -23.56 9.53 3.19
CA VAL A 136 -23.70 9.94 4.60
C VAL A 136 -22.67 11.03 4.94
N ASP A 137 -22.92 11.75 6.03
CA ASP A 137 -21.91 12.63 6.60
C ASP A 137 -20.88 11.75 7.31
N ASN A 138 -19.73 11.53 6.69
CA ASN A 138 -18.74 10.65 7.28
C ASN A 138 -18.02 11.35 8.41
N PHE A 139 -18.01 12.68 8.36
CA PHE A 139 -17.42 13.46 9.46
C PHE A 139 -18.22 13.25 10.72
N ASN A 140 -19.52 13.48 10.58
CA ASN A 140 -20.48 13.25 11.65
C ASN A 140 -20.49 11.78 12.13
N GLY A 141 -20.45 10.85 11.18
CA GLY A 141 -20.41 9.44 11.49
C GLY A 141 -19.27 9.09 12.40
N GLY A 142 -18.06 9.58 12.07
CA GLY A 142 -16.88 9.40 12.90
C GLY A 142 -16.96 10.13 14.24
N TYR A 143 -17.44 11.36 14.22
CA TYR A 143 -17.69 12.08 15.45
C TYR A 143 -18.59 11.26 16.35
N LEU A 144 -19.75 10.86 15.84
CA LEU A 144 -20.64 10.02 16.63
C LEU A 144 -19.95 8.73 17.08
N GLU A 145 -19.10 8.14 16.24
CA GLU A 145 -18.47 6.86 16.55
C GLU A 145 -17.35 7.01 17.56
N ALA A 146 -16.57 8.08 17.45
CA ALA A 146 -15.49 8.30 18.40
C ALA A 146 -16.08 8.62 19.77
N LYS A 147 -17.10 9.45 19.75
CA LYS A 147 -17.74 9.95 20.96
C LYS A 147 -18.25 8.80 21.80
N ASN A 148 -18.74 7.76 21.14
CA ASN A 148 -19.31 6.61 21.82
C ASN A 148 -18.24 5.78 22.52
N LEU A 149 -17.11 5.62 21.85
CA LEU A 149 -15.96 4.89 22.39
C LEU A 149 -15.25 5.70 23.49
N ALA A 150 -15.20 7.01 23.32
CA ALA A 150 -14.62 7.90 24.34
C ALA A 150 -15.33 7.70 25.65
N GLU A 151 -16.65 7.78 25.61
CA GLU A 151 -17.51 7.46 26.74
C GLU A 151 -17.31 6.03 27.26
N ALA A 152 -17.21 5.07 26.35
CA ALA A 152 -17.04 3.66 26.69
C ALA A 152 -15.75 3.33 27.46
N ILE A 153 -14.64 3.99 27.13
CA ILE A 153 -13.40 3.71 27.83
C ILE A 153 -13.19 4.65 29.00
N GLY A 154 -14.26 5.36 29.36
CA GLY A 154 -14.31 6.06 30.63
C GLY A 154 -13.92 7.52 30.57
N LYS A 155 -14.21 8.18 29.44
CA LYS A 155 -13.81 9.57 29.21
C LYS A 155 -12.28 9.80 29.37
N LYS A 156 -11.50 8.72 29.35
CA LYS A 156 -10.08 8.75 29.74
C LYS A 156 -9.31 7.59 29.13
N GLY A 157 -8.05 7.84 28.76
CA GLY A 157 -7.21 6.79 28.22
C GLY A 157 -6.37 7.27 27.07
N ASN A 158 -5.76 6.34 26.34
CA ASN A 158 -5.02 6.70 25.13
C ASN A 158 -5.60 5.95 23.95
N VAL A 159 -5.93 6.69 22.89
CA VAL A 159 -6.56 6.09 21.71
C VAL A 159 -5.64 6.04 20.50
N ALA A 160 -5.86 5.04 19.65
CA ALA A 160 -5.14 4.92 18.39
C ALA A 160 -6.10 4.83 17.21
N ILE A 161 -5.89 5.65 16.19
CA ILE A 161 -6.75 5.68 15.00
C ILE A 161 -6.23 4.84 13.83
N LEU A 162 -7.04 3.92 13.32
CA LEU A 162 -6.71 3.23 12.07
C LEU A 162 -7.47 3.88 10.90
N GLU A 163 -6.73 4.26 9.86
CA GLU A 163 -7.32 5.03 8.76
C GLU A 163 -7.37 4.24 7.45
N GLY A 164 -8.10 4.78 6.49
CA GLY A 164 -8.27 4.12 5.22
C GLY A 164 -7.16 4.49 4.26
N ILE A 165 -7.33 4.12 2.99
CA ILE A 165 -6.41 4.55 1.94
C ILE A 165 -6.26 6.06 2.00
N PRO A 166 -5.05 6.54 2.30
CA PRO A 166 -4.74 7.98 2.35
C PRO A 166 -5.36 8.75 1.16
N GLY A 167 -6.00 9.88 1.46
CA GLY A 167 -6.53 10.72 0.42
C GLY A 167 -8.04 10.68 0.25
N VAL A 168 -8.62 9.48 0.21
CA VAL A 168 -10.07 9.34 0.02
C VAL A 168 -10.86 10.13 1.07
N ASP A 169 -11.79 10.94 0.58
CA ASP A 169 -12.57 11.82 1.42
C ASP A 169 -13.24 11.12 2.59
N ASN A 170 -13.90 10.01 2.31
CA ASN A 170 -14.67 9.31 3.36
C ASN A 170 -13.78 8.91 4.53
N GLY A 171 -12.55 8.50 4.23
CA GLY A 171 -11.62 8.11 5.27
C GLY A 171 -11.18 9.28 6.12
N GLU A 172 -10.64 10.31 5.48
CA GLU A 172 -10.20 11.54 6.15
C GLU A 172 -11.35 12.21 6.92
N GLN A 173 -12.53 12.30 6.31
CA GLN A 173 -13.71 12.84 6.99
C GLN A 173 -13.98 12.13 8.33
N ARG A 174 -13.97 10.80 8.33
CA ARG A 174 -14.19 10.03 9.56
C ARG A 174 -13.10 10.29 10.61
N LYS A 175 -11.86 10.45 10.14
CA LYS A 175 -10.73 10.83 10.98
C LYS A 175 -10.98 12.19 11.64
N GLY A 176 -11.19 13.22 10.81
CA GLY A 176 -11.47 14.55 11.29
C GLY A 176 -12.64 14.56 12.27
N GLY A 177 -13.63 13.73 11.98
CA GLY A 177 -14.74 13.49 12.89
C GLY A 177 -14.31 12.93 14.23
N ALA A 178 -13.49 11.87 14.20
CA ALA A 178 -12.95 11.29 15.41
C ALA A 178 -12.14 12.32 16.20
N LEU A 179 -11.18 12.95 15.52
CA LEU A 179 -10.30 13.95 16.14
C LEU A 179 -11.10 15.01 16.89
N LYS A 180 -12.17 15.52 16.28
CA LYS A 180 -12.98 16.53 16.92
C LYS A 180 -13.59 16.03 18.23
N ALA A 181 -13.94 14.75 18.24
CA ALA A 181 -14.61 14.15 19.37
C ALA A 181 -13.70 13.93 20.60
N PHE A 182 -12.47 13.44 20.38
CA PHE A 182 -11.56 13.18 21.51
C PHE A 182 -11.05 14.50 22.05
N ALA A 183 -11.04 15.50 21.17
CA ALA A 183 -10.64 16.85 21.55
C ALA A 183 -11.55 17.38 22.67
N GLU A 184 -12.71 16.74 22.85
CA GLU A 184 -13.65 17.11 23.90
C GLU A 184 -13.34 16.39 25.21
N TYR A 185 -12.47 15.40 25.13
CA TYR A 185 -12.06 14.64 26.31
C TYR A 185 -10.58 14.83 26.59
N PRO A 186 -10.22 15.89 27.35
CA PRO A 186 -8.84 16.25 27.66
C PRO A 186 -8.06 15.11 28.32
N ASP A 187 -8.76 14.10 28.82
CA ASP A 187 -8.10 12.94 29.41
C ASP A 187 -7.99 11.80 28.41
N ILE A 188 -8.40 12.06 27.17
CA ILE A 188 -8.10 11.15 26.09
C ILE A 188 -7.14 11.80 25.11
N LYS A 189 -6.06 11.08 24.83
CA LYS A 189 -5.04 11.51 23.88
C LYS A 189 -4.89 10.52 22.73
N ILE A 190 -5.00 11.04 21.51
CA ILE A 190 -4.61 10.29 20.32
C ILE A 190 -3.11 10.05 20.37
N VAL A 191 -2.69 8.79 20.55
CA VAL A 191 -1.26 8.52 20.62
C VAL A 191 -0.73 7.76 19.41
N ALA A 192 -1.62 7.21 18.61
CA ALA A 192 -1.18 6.54 17.40
C ALA A 192 -2.18 6.73 16.26
N SER A 193 -1.69 7.07 15.09
CA SER A 193 -2.51 7.06 13.90
C SER A 193 -1.76 6.48 12.70
N GLN A 194 -2.31 5.43 12.15
CA GLN A 194 -1.66 4.69 11.09
C GLN A 194 -2.72 4.21 10.11
N SER A 195 -2.44 4.34 8.82
CA SER A 195 -3.34 3.82 7.80
C SER A 195 -3.27 2.30 7.67
N ALA A 196 -4.43 1.65 7.66
CA ALA A 196 -4.47 0.23 7.37
C ALA A 196 -5.19 -0.02 6.04
N ASN A 197 -5.49 1.05 5.32
CA ASN A 197 -6.00 0.99 3.92
C ASN A 197 -7.31 0.25 3.69
N TRP A 198 -8.12 0.12 4.75
CA TRP A 198 -9.46 -0.51 4.73
C TRP A 198 -9.45 -2.04 4.71
N GLU A 199 -8.26 -2.64 4.77
CA GLU A 199 -8.08 -4.10 4.72
C GLU A 199 -8.02 -4.71 6.10
N THR A 200 -8.72 -5.82 6.31
CA THR A 200 -8.60 -6.55 7.57
C THR A 200 -7.14 -6.96 7.83
N GLU A 201 -6.54 -7.74 6.93
CA GLU A 201 -5.22 -8.31 7.16
C GLU A 201 -4.15 -7.27 7.53
N GLN A 202 -4.14 -6.11 6.86
CA GLN A 202 -3.21 -5.05 7.23
C GLN A 202 -3.43 -4.42 8.63
N ALA A 203 -4.70 -4.30 9.02
CA ALA A 203 -5.02 -3.68 10.30
C ALA A 203 -4.63 -4.61 11.44
N LEU A 204 -4.58 -5.91 11.17
CA LEU A 204 -4.05 -6.85 12.15
C LEU A 204 -2.54 -6.62 12.34
N ASN A 205 -1.80 -6.51 11.23
CA ASN A 205 -0.39 -6.20 11.30
C ASN A 205 -0.16 -4.85 11.97
N VAL A 206 -0.75 -3.80 11.42
CA VAL A 206 -0.57 -2.47 11.99
C VAL A 206 -0.95 -2.40 13.49
N THR A 207 -2.11 -2.94 13.87
CA THR A 207 -2.57 -2.87 15.26
C THR A 207 -1.62 -3.55 16.21
N THR A 208 -1.04 -4.67 15.78
CA THR A 208 -0.11 -5.39 16.63
C THR A 208 1.10 -4.51 16.90
N ASN A 209 1.64 -3.93 15.84
CA ASN A 209 2.81 -3.07 15.96
C ASN A 209 2.51 -1.78 16.76
N ILE A 210 1.24 -1.36 16.74
CA ILE A 210 0.83 -0.17 17.49
C ILE A 210 0.58 -0.47 18.98
N LEU A 211 0.13 -1.68 19.27
CA LEU A 211 -0.13 -2.11 20.65
C LEU A 211 1.15 -2.40 21.43
N THR A 212 2.17 -2.90 20.74
CA THR A 212 3.46 -3.07 21.39
C THR A 212 4.08 -1.71 21.68
N ALA A 213 3.95 -0.79 20.73
CA ALA A 213 4.54 0.56 20.82
C ALA A 213 4.05 1.39 22.03
N ASN A 214 2.73 1.42 22.28
CA ASN A 214 2.19 1.97 23.52
C ASN A 214 1.32 0.96 24.23
N PRO A 215 1.77 0.47 25.40
CA PRO A 215 1.04 -0.54 26.19
C PRO A 215 -0.11 0.10 26.97
N ASN A 216 -0.21 1.43 26.86
CA ASN A 216 -1.23 2.18 27.55
C ASN A 216 -2.35 2.59 26.61
N ILE A 217 -2.51 1.80 25.56
CA ILE A 217 -3.62 1.97 24.66
C ILE A 217 -4.80 1.11 25.12
N ASN A 218 -5.98 1.74 25.24
CA ASN A 218 -7.17 1.08 25.77
C ASN A 218 -8.39 1.24 24.86
N GLY A 219 -8.19 1.88 23.71
CA GLY A 219 -9.26 2.15 22.76
C GLY A 219 -8.79 2.33 21.31
N ILE A 220 -9.48 1.68 20.37
CA ILE A 220 -9.10 1.77 18.96
C ILE A 220 -10.21 2.22 18.02
N PHE A 221 -10.02 3.38 17.43
CA PHE A 221 -10.95 3.90 16.47
C PHE A 221 -10.49 3.46 15.10
N ALA A 222 -11.34 2.70 14.42
CA ALA A 222 -11.09 2.27 13.04
C ALA A 222 -12.12 2.84 12.03
N ALA A 223 -11.63 3.46 10.98
CA ALA A 223 -12.46 4.18 10.00
C ALA A 223 -13.29 3.31 9.01
N ASN A 224 -13.04 1.99 8.97
CA ASN A 224 -14.07 1.04 8.56
C ASN A 224 -14.16 -0.25 9.31
N ASP A 225 -15.28 -0.91 9.06
CA ASP A 225 -15.62 -2.15 9.68
C ASP A 225 -14.58 -3.26 9.48
N ASN A 226 -13.96 -3.35 8.31
CA ASN A 226 -12.91 -4.34 8.11
C ASN A 226 -11.71 -4.12 9.03
N MET A 227 -11.18 -2.89 9.09
CA MET A 227 -10.01 -2.63 9.93
C MET A 227 -10.32 -2.83 11.44
N ALA A 228 -11.58 -2.63 11.84
CA ALA A 228 -12.02 -2.87 13.21
C ALA A 228 -11.90 -4.36 13.57
N ILE A 229 -12.27 -5.20 12.63
CA ILE A 229 -12.19 -6.65 12.78
C ILE A 229 -10.76 -7.11 12.89
N GLY A 230 -9.91 -6.52 12.05
CA GLY A 230 -8.50 -6.84 12.07
C GLY A 230 -7.87 -6.38 13.36
N ALA A 231 -8.43 -5.31 13.93
CA ALA A 231 -7.91 -4.71 15.15
C ALA A 231 -8.31 -5.50 16.39
N VAL A 232 -9.53 -6.03 16.38
CA VAL A 232 -9.98 -6.89 17.48
C VAL A 232 -9.12 -8.16 17.58
N THR A 233 -8.84 -8.78 16.44
CA THR A 233 -8.01 -9.99 16.39
C THR A 233 -6.64 -9.77 17.02
N ALA A 234 -6.08 -8.58 16.80
CA ALA A 234 -4.85 -8.18 17.45
C ALA A 234 -5.01 -8.17 18.98
N VAL A 235 -5.97 -7.41 19.50
CA VAL A 235 -6.07 -7.32 20.96
C VAL A 235 -6.29 -8.72 21.59
N GLU A 236 -7.14 -9.56 21.00
CA GLU A 236 -7.39 -10.91 21.53
C GLU A 236 -6.17 -11.83 21.39
N ASN A 237 -5.40 -11.62 20.32
CA ASN A 237 -4.11 -12.28 20.18
C ASN A 237 -3.23 -11.85 21.31
N ALA A 238 -3.23 -10.55 21.56
CA ALA A 238 -2.33 -9.93 22.52
C ALA A 238 -2.78 -10.14 23.97
N GLY A 239 -3.75 -11.02 24.18
CA GLY A 239 -4.30 -11.27 25.49
C GLY A 239 -5.00 -10.06 26.09
N LEU A 240 -5.46 -9.16 25.22
CA LEU A 240 -5.96 -7.84 25.63
C LEU A 240 -7.45 -7.66 25.49
N ALA A 241 -8.17 -8.75 25.25
CA ALA A 241 -9.62 -8.73 25.13
C ALA A 241 -10.24 -8.05 26.33
N GLY A 242 -11.23 -7.19 26.10
CA GLY A 242 -11.90 -6.54 27.22
C GLY A 242 -11.16 -5.34 27.78
N LYS A 243 -9.87 -5.24 27.44
CA LYS A 243 -9.00 -4.21 28.00
C LYS A 243 -8.76 -3.09 27.00
N VAL A 244 -9.00 -3.37 25.72
CA VAL A 244 -9.01 -2.34 24.70
C VAL A 244 -10.32 -2.42 23.92
N LEU A 245 -11.03 -1.31 23.83
CA LEU A 245 -12.30 -1.29 23.13
C LEU A 245 -12.14 -0.70 21.72
N VAL A 246 -12.80 -1.33 20.76
CA VAL A 246 -12.63 -1.01 19.35
C VAL A 246 -13.95 -0.50 18.78
N SER A 247 -13.89 0.53 17.94
CA SER A 247 -15.05 0.99 17.18
C SER A 247 -14.78 0.88 15.67
N GLY A 248 -15.82 0.53 14.92
CA GLY A 248 -15.71 0.40 13.48
C GLY A 248 -16.73 1.24 12.73
N TYR A 249 -16.85 1.00 11.43
CA TYR A 249 -17.68 1.85 10.57
C TYR A 249 -18.11 1.13 9.31
N ASP A 250 -19.43 0.95 9.17
CA ASP A 250 -20.15 0.46 7.97
C ASP A 250 -21.38 -0.35 8.39
N GLY A 251 -21.23 -1.14 9.44
CA GLY A 251 -22.30 -1.99 9.94
C GLY A 251 -22.46 -3.35 9.27
N ILE A 252 -21.36 -3.92 8.76
CA ILE A 252 -21.44 -5.23 8.10
C ILE A 252 -21.90 -6.28 9.13
N PRO A 253 -22.50 -7.37 8.66
CA PRO A 253 -22.98 -8.45 9.53
C PRO A 253 -21.98 -8.89 10.61
N LEU A 254 -20.76 -9.24 10.21
CA LEU A 254 -19.76 -9.73 11.15
C LEU A 254 -19.38 -8.71 12.25
N ALA A 255 -19.22 -7.44 11.88
CA ALA A 255 -19.03 -6.36 12.84
C ALA A 255 -20.19 -6.29 13.84
N ILE A 256 -21.40 -6.31 13.29
CA ILE A 256 -22.61 -6.33 14.11
C ILE A 256 -22.61 -7.50 15.10
N GLU A 257 -22.20 -8.68 14.64
CA GLU A 257 -22.14 -9.85 15.50
C GLU A 257 -21.14 -9.62 16.65
N TYR A 258 -19.94 -9.14 16.30
CA TYR A 258 -18.93 -8.78 17.29
C TYR A 258 -19.48 -7.79 18.32
N VAL A 259 -20.25 -6.82 17.86
CA VAL A 259 -20.89 -5.87 18.76
C VAL A 259 -21.82 -6.58 19.72
N LYS A 260 -22.57 -7.55 19.22
CA LYS A 260 -23.43 -8.37 20.07
C LYS A 260 -22.63 -9.11 21.14
N GLN A 261 -21.56 -9.76 20.72
CA GLN A 261 -20.76 -10.57 21.63
C GLN A 261 -19.94 -9.72 22.62
N GLY A 262 -19.79 -8.43 22.31
CA GLY A 262 -19.00 -7.54 23.15
C GLY A 262 -17.56 -7.37 22.64
N LYS A 263 -17.20 -8.13 21.60
CA LYS A 263 -15.86 -8.04 21.01
C LYS A 263 -15.60 -6.62 20.47
N MET A 264 -16.67 -5.93 20.08
CA MET A 264 -16.62 -4.53 19.65
C MET A 264 -17.51 -3.62 20.48
N GLN A 265 -17.14 -2.35 20.55
CA GLN A 265 -17.92 -1.36 21.26
C GLN A 265 -19.08 -0.88 20.40
N ASN A 266 -18.74 -0.41 19.20
CA ASN A 266 -19.74 0.05 18.26
C ASN A 266 -19.24 0.01 16.83
N THR A 267 -20.16 0.07 15.89
CA THR A 267 -19.88 0.39 14.50
C THR A 267 -20.98 1.33 14.08
N ILE A 268 -20.80 2.03 12.95
CA ILE A 268 -21.85 2.91 12.44
C ILE A 268 -22.52 2.26 11.23
N ASP A 269 -23.80 1.92 11.34
CA ASP A 269 -24.53 1.39 10.20
C ASP A 269 -24.81 2.54 9.25
N GLN A 270 -24.20 2.43 8.08
CA GLN A 270 -24.23 3.45 7.06
C GLN A 270 -25.46 3.29 6.18
N LEU A 271 -26.19 2.20 6.42
CA LEU A 271 -27.38 1.84 5.64
C LEU A 271 -27.10 1.75 4.13
N PRO A 272 -26.23 0.79 3.75
CA PRO A 272 -25.74 0.73 2.38
C PRO A 272 -26.82 0.31 1.39
N LYS A 273 -27.88 -0.34 1.86
CA LYS A 273 -28.98 -0.73 0.98
C LYS A 273 -29.90 0.44 0.73
N LYS A 274 -30.18 1.22 1.78
CA LYS A 274 -31.00 2.42 1.66
C LYS A 274 -30.33 3.47 0.76
N GLN A 275 -29.02 3.63 0.94
CA GLN A 275 -28.24 4.49 0.08
C GLN A 275 -28.44 4.16 -1.40
N VAL A 276 -28.01 2.97 -1.80
CA VAL A 276 -28.08 2.58 -3.20
C VAL A 276 -29.53 2.46 -3.65
N ALA A 277 -30.46 2.30 -2.72
CA ALA A 277 -31.87 2.34 -3.07
C ALA A 277 -32.23 3.75 -3.47
N ILE A 278 -31.85 4.74 -2.63
CA ILE A 278 -32.08 6.14 -2.98
C ILE A 278 -31.36 6.50 -4.29
N ALA A 279 -30.15 5.97 -4.50
CA ALA A 279 -29.46 6.17 -5.77
C ALA A 279 -30.31 5.77 -6.99
N ILE A 280 -30.84 4.55 -6.95
CA ILE A 280 -31.70 4.03 -8.01
C ILE A 280 -33.03 4.79 -8.11
N GLU A 281 -33.51 5.28 -6.96
CA GLU A 281 -34.74 6.06 -6.93
C GLU A 281 -34.48 7.43 -7.56
N HIS A 282 -33.25 7.91 -7.40
CA HIS A 282 -32.85 9.23 -7.86
C HIS A 282 -32.54 9.24 -9.34
N ALA A 283 -31.99 8.13 -9.83
CA ALA A 283 -31.76 7.99 -11.27
C ALA A 283 -33.09 8.05 -12.02
N LEU A 284 -34.05 7.26 -11.53
CA LEU A 284 -35.39 7.12 -12.13
C LEU A 284 -36.12 8.44 -12.23
N LYS A 285 -35.97 9.27 -11.20
CA LYS A 285 -36.60 10.59 -11.19
C LYS A 285 -35.98 11.42 -12.31
N GLN A 286 -34.66 11.43 -12.36
CA GLN A 286 -33.95 12.15 -13.40
C GLN A 286 -34.17 11.58 -14.80
N ILE A 287 -34.58 10.32 -14.93
CA ILE A 287 -35.00 9.81 -16.23
C ILE A 287 -36.37 10.39 -16.57
N ASN A 288 -37.15 10.69 -15.54
CA ASN A 288 -38.46 11.25 -15.79
C ASN A 288 -38.46 12.75 -15.55
N LYS A 289 -37.29 13.35 -15.69
CA LYS A 289 -37.14 14.80 -15.67
C LYS A 289 -37.82 15.45 -14.46
N GLN A 290 -37.66 14.85 -13.28
CA GLN A 290 -38.07 15.47 -12.03
C GLN A 290 -36.84 15.87 -11.20
N GLU A 291 -37.01 16.88 -10.34
CA GLU A 291 -35.89 17.37 -9.59
C GLU A 291 -35.54 16.47 -8.40
N ILE A 292 -34.23 16.31 -8.18
CA ILE A 292 -33.70 15.64 -7.01
C ILE A 292 -32.80 16.64 -6.27
N PRO A 293 -32.61 16.44 -4.94
CA PRO A 293 -31.61 17.23 -4.20
C PRO A 293 -30.19 17.02 -4.76
N SER A 294 -29.30 18.00 -4.61
CA SER A 294 -27.91 17.82 -5.05
C SER A 294 -27.15 16.90 -4.11
N VAL A 295 -27.59 16.87 -2.84
CA VAL A 295 -27.02 16.00 -1.82
C VAL A 295 -28.12 15.29 -1.03
N TYR A 296 -27.91 14.01 -0.73
CA TYR A 296 -28.83 13.28 0.13
C TYR A 296 -27.98 12.42 1.06
N TYR A 297 -28.08 12.73 2.34
CA TYR A 297 -27.42 12.04 3.44
C TYR A 297 -28.42 11.14 4.17
N VAL A 298 -28.26 9.82 4.03
CA VAL A 298 -28.98 8.86 4.84
C VAL A 298 -28.58 9.12 6.30
N ASP A 299 -29.48 8.83 7.25
CA ASP A 299 -29.15 9.01 8.66
C ASP A 299 -28.63 7.74 9.32
N PRO A 300 -27.33 7.72 9.64
CA PRO A 300 -26.62 6.53 10.15
C PRO A 300 -27.14 6.11 11.51
N VAL A 301 -26.92 4.85 11.87
CA VAL A 301 -27.28 4.36 13.20
C VAL A 301 -26.01 4.06 13.95
N VAL A 302 -25.96 4.44 15.23
CA VAL A 302 -24.89 4.02 16.15
C VAL A 302 -25.20 2.66 16.78
N VAL A 303 -24.48 1.62 16.38
CA VAL A 303 -24.82 0.26 16.77
C VAL A 303 -23.95 -0.29 17.90
N ASP A 304 -24.50 -0.27 19.10
CA ASP A 304 -23.82 -0.77 20.28
C ASP A 304 -24.73 -1.81 20.91
N LYS A 305 -24.27 -2.44 21.98
CA LYS A 305 -24.90 -3.67 22.49
C LYS A 305 -26.42 -3.56 22.76
N GLU A 306 -26.94 -2.39 23.09
CA GLU A 306 -28.38 -2.31 23.33
C GLU A 306 -29.18 -2.02 22.06
N GLN A 307 -28.54 -1.38 21.09
CA GLN A 307 -29.14 -1.18 19.77
C GLN A 307 -28.85 -2.43 18.94
N SER A 308 -27.92 -3.23 19.45
CA SER A 308 -27.59 -4.49 18.81
C SER A 308 -28.76 -5.46 18.88
N LYS A 309 -29.64 -5.20 19.85
CA LYS A 309 -30.80 -6.04 20.12
C LYS A 309 -31.73 -6.04 18.91
N ASN A 310 -31.61 -4.98 18.09
CA ASN A 310 -32.42 -4.78 16.89
C ASN A 310 -31.82 -5.37 15.61
N TYR A 311 -30.54 -5.69 15.65
CA TYR A 311 -29.83 -6.24 14.49
C TYR A 311 -29.64 -7.76 14.61
N ASP B 25 14.11 16.42 -38.78
CA ASP B 25 15.56 16.36 -38.94
C ASP B 25 16.17 15.35 -37.97
N LYS B 26 15.41 15.01 -36.93
CA LYS B 26 15.88 14.08 -35.91
C LYS B 26 14.86 13.00 -35.65
N PRO B 27 15.31 11.83 -35.15
CA PRO B 27 14.37 10.78 -34.73
C PRO B 27 13.86 11.07 -33.32
N GLN B 28 12.54 10.92 -33.14
CA GLN B 28 11.87 11.07 -31.85
C GLN B 28 11.75 9.71 -31.17
N ILE B 29 12.43 9.52 -30.05
CA ILE B 29 12.32 8.29 -29.26
C ILE B 29 11.63 8.55 -27.92
N ALA B 30 10.63 7.74 -27.61
CA ALA B 30 9.83 7.99 -26.40
C ALA B 30 10.26 7.14 -25.22
N LEU B 31 11.02 7.74 -24.29
CA LEU B 31 11.33 7.11 -23.01
C LEU B 31 10.12 7.28 -22.11
N LEU B 32 9.45 6.17 -21.79
CA LEU B 32 8.27 6.20 -20.93
C LEU B 32 8.55 5.43 -19.67
N MET B 33 8.39 6.09 -18.54
CA MET B 33 8.86 5.51 -17.29
C MET B 33 7.77 5.48 -16.23
N LYS B 34 7.83 4.48 -15.36
CA LYS B 34 6.77 4.21 -14.39
C LYS B 34 6.81 5.14 -13.16
N THR B 35 7.99 5.72 -12.89
CA THR B 35 8.10 6.77 -11.87
C THR B 35 9.42 7.53 -11.92
N LEU B 36 9.45 8.67 -11.24
CA LEU B 36 10.67 9.47 -11.12
C LEU B 36 10.79 10.06 -9.71
N SER B 37 10.06 9.45 -8.78
CA SER B 37 10.10 9.80 -7.36
C SER B 37 11.18 8.95 -6.68
N ASN B 38 11.78 8.11 -7.50
CA ASN B 38 12.83 7.19 -7.11
C ASN B 38 14.16 7.67 -7.71
N GLU B 39 15.20 7.79 -6.89
CA GLU B 39 16.49 8.24 -7.43
C GLU B 39 17.03 7.30 -8.51
N TYR B 40 16.71 6.02 -8.41
CA TYR B 40 17.16 5.04 -9.38
C TYR B 40 16.77 5.44 -10.82
N PHE B 41 15.47 5.55 -11.07
CA PHE B 41 14.96 5.96 -12.39
C PHE B 41 15.39 7.35 -12.84
N ILE B 42 15.39 8.33 -11.93
CA ILE B 42 15.98 9.66 -12.18
C ILE B 42 17.35 9.57 -12.86
N SER B 43 18.25 8.77 -12.30
CA SER B 43 19.61 8.69 -12.81
C SER B 43 19.62 8.01 -14.17
N MET B 44 18.62 7.16 -14.41
CA MET B 44 18.47 6.49 -15.69
C MET B 44 18.10 7.49 -16.79
N ARG B 45 17.19 8.39 -16.47
CA ARG B 45 16.79 9.44 -17.38
C ARG B 45 17.99 10.28 -17.77
N GLN B 46 18.73 10.78 -16.79
CA GLN B 46 19.93 11.57 -17.09
C GLN B 46 20.94 10.77 -17.91
N GLY B 47 20.92 9.44 -17.77
CA GLY B 47 21.71 8.59 -18.64
C GLY B 47 21.23 8.73 -20.06
N ALA B 48 19.94 8.51 -20.25
CA ALA B 48 19.31 8.62 -21.56
C ALA B 48 19.44 10.00 -22.20
N GLU B 49 19.49 11.04 -21.37
CA GLU B 49 19.50 12.39 -21.90
C GLU B 49 20.90 12.69 -22.46
N GLU B 50 21.93 12.12 -21.85
CA GLU B 50 23.26 12.30 -22.42
C GLU B 50 23.57 11.26 -23.51
N THR B 51 22.97 10.07 -23.44
CA THR B 51 23.07 9.13 -24.55
C THR B 51 22.37 9.67 -25.81
N ALA B 52 21.26 10.38 -25.64
CA ALA B 52 20.54 10.92 -26.78
C ALA B 52 21.33 12.05 -27.44
N LYS B 53 21.98 12.88 -26.62
CA LYS B 53 22.79 13.97 -27.18
C LYS B 53 24.01 13.43 -27.97
N GLN B 54 24.56 12.30 -27.51
CA GLN B 54 25.60 11.58 -28.26
C GLN B 54 25.13 11.04 -29.61
N LYS B 55 23.84 10.67 -29.71
CA LYS B 55 23.31 9.97 -30.86
C LYS B 55 22.38 10.80 -31.73
N ASP B 56 22.42 12.12 -31.62
CA ASP B 56 21.53 12.99 -32.40
C ASP B 56 20.08 12.49 -32.33
N ILE B 57 19.58 12.35 -31.11
CA ILE B 57 18.23 11.88 -30.85
C ILE B 57 17.48 12.91 -30.03
N ASP B 58 16.26 13.21 -30.43
CA ASP B 58 15.37 14.00 -29.57
C ASP B 58 14.52 13.05 -28.71
N LEU B 59 14.81 13.03 -27.41
CA LEU B 59 14.08 12.15 -26.49
C LEU B 59 12.78 12.78 -25.99
N ILE B 60 11.71 11.97 -25.86
CA ILE B 60 10.45 12.45 -25.30
C ILE B 60 10.07 11.71 -24.01
N VAL B 61 10.46 12.26 -22.87
CA VAL B 61 10.23 11.59 -21.59
C VAL B 61 8.86 11.87 -20.99
N GLN B 62 8.09 10.83 -20.71
CA GLN B 62 6.83 10.96 -20.02
C GLN B 62 6.71 9.92 -18.91
N VAL B 63 6.04 10.29 -17.84
CA VAL B 63 6.03 9.51 -16.60
C VAL B 63 4.62 9.25 -16.06
N ALA B 64 4.37 7.99 -15.71
CA ALA B 64 3.12 7.59 -15.07
C ALA B 64 3.02 8.20 -13.69
N GLU B 65 1.82 8.58 -13.27
CA GLU B 65 1.63 9.37 -12.04
C GLU B 65 1.89 8.54 -10.79
N LYS B 66 1.24 7.39 -10.66
CA LYS B 66 1.55 6.50 -9.56
C LYS B 66 2.29 5.29 -10.10
N GLU B 67 3.26 4.82 -9.32
CA GLU B 67 4.17 3.76 -9.72
C GLU B 67 3.45 2.50 -10.17
N ASP B 68 2.24 2.31 -9.64
CA ASP B 68 1.42 1.12 -9.91
C ASP B 68 0.16 1.46 -10.70
N SER B 69 0.14 2.65 -11.30
CA SER B 69 -0.99 3.02 -12.15
C SER B 69 -0.79 2.44 -13.54
N THR B 70 -1.19 1.18 -13.71
CA THR B 70 -0.95 0.44 -14.93
C THR B 70 -1.69 1.06 -16.11
N GLU B 71 -2.98 1.32 -15.94
CA GLU B 71 -3.85 1.75 -17.05
C GLU B 71 -3.42 3.06 -17.67
N GLN B 72 -2.77 3.90 -16.87
CA GLN B 72 -2.33 5.20 -17.32
C GLN B 72 -0.99 5.17 -18.06
N LEU B 73 -0.11 4.28 -17.62
CA LEU B 73 1.18 4.11 -18.27
C LEU B 73 1.00 3.42 -19.62
N VAL B 74 0.01 2.53 -19.72
CA VAL B 74 -0.38 1.90 -20.98
C VAL B 74 -0.86 2.95 -21.96
N GLY B 75 -1.73 3.83 -21.49
CA GLY B 75 -2.19 4.97 -22.28
C GLY B 75 -1.05 5.81 -22.86
N LEU B 76 -0.04 6.13 -22.05
CA LEU B 76 1.11 6.89 -22.54
C LEU B 76 1.72 6.21 -23.76
N VAL B 77 1.93 4.89 -23.68
CA VAL B 77 2.45 4.09 -24.81
C VAL B 77 1.64 4.29 -26.08
N GLU B 78 0.32 4.19 -25.94
CA GLU B 78 -0.59 4.33 -27.06
C GLU B 78 -0.62 5.75 -27.61
N ASN B 79 -0.53 6.73 -26.70
CA ASN B 79 -0.36 8.13 -27.08
C ASN B 79 0.79 8.30 -28.05
N MET B 80 1.91 7.65 -27.74
CA MET B 80 3.13 7.77 -28.51
C MET B 80 3.03 7.09 -29.88
N ILE B 81 2.12 6.12 -30.00
CA ILE B 81 1.87 5.45 -31.29
C ILE B 81 1.07 6.37 -32.22
N ALA B 82 0.17 7.15 -31.60
CA ALA B 82 -0.61 8.14 -32.33
C ALA B 82 0.31 9.16 -32.98
N LYS B 83 1.24 9.67 -32.18
CA LYS B 83 2.25 10.64 -32.62
C LYS B 83 3.14 10.18 -33.75
N LYS B 84 3.20 8.87 -33.97
CA LYS B 84 4.12 8.26 -34.94
C LYS B 84 5.58 8.58 -34.62
N VAL B 85 5.93 8.49 -33.33
CA VAL B 85 7.33 8.64 -32.93
C VAL B 85 8.16 7.52 -33.55
N ASP B 86 9.46 7.70 -33.60
CA ASP B 86 10.32 6.77 -34.34
C ASP B 86 10.62 5.51 -33.54
N ALA B 87 10.49 5.59 -32.22
CA ALA B 87 10.78 4.48 -31.32
C ALA B 87 10.20 4.67 -29.91
N ILE B 88 9.74 3.58 -29.32
CA ILE B 88 9.21 3.61 -27.95
C ILE B 88 10.02 2.75 -26.97
N ILE B 89 10.55 3.37 -25.94
CA ILE B 89 11.20 2.65 -24.84
C ILE B 89 10.29 2.70 -23.61
N VAL B 90 9.94 1.55 -23.03
CA VAL B 90 9.07 1.61 -21.87
C VAL B 90 9.52 0.67 -20.72
N THR B 91 9.39 1.16 -19.49
CA THR B 91 9.56 0.38 -18.26
C THR B 91 8.21 -0.09 -17.71
N PRO B 92 7.68 -1.22 -18.22
CA PRO B 92 6.34 -1.71 -17.87
C PRO B 92 6.12 -1.81 -16.38
N ASN B 93 4.90 -1.64 -15.91
CA ASN B 93 4.60 -1.93 -14.50
C ASN B 93 3.50 -2.99 -14.36
N ASP B 94 3.36 -3.80 -15.40
CA ASP B 94 2.67 -5.06 -15.33
C ASP B 94 3.19 -5.89 -16.47
N SER B 95 3.37 -7.19 -16.25
CA SER B 95 4.03 -8.04 -17.24
C SER B 95 3.05 -8.47 -18.33
N ILE B 96 1.81 -8.69 -17.91
CA ILE B 96 0.71 -9.08 -18.79
C ILE B 96 0.06 -7.91 -19.54
N ALA B 97 -0.27 -6.84 -18.81
CA ALA B 97 -1.10 -5.74 -19.33
C ALA B 97 -0.58 -5.03 -20.59
N PHE B 98 0.73 -5.04 -20.79
CA PHE B 98 1.32 -4.22 -21.84
C PHE B 98 1.47 -4.97 -23.13
N ILE B 99 1.06 -6.23 -23.13
CA ILE B 99 1.14 -7.03 -24.35
C ILE B 99 0.25 -6.41 -25.44
N PRO B 100 -1.05 -6.13 -25.15
CA PRO B 100 -1.86 -5.52 -26.22
C PRO B 100 -1.27 -4.23 -26.82
N ALA B 101 -0.59 -3.41 -26.01
CA ALA B 101 -0.02 -2.14 -26.49
C ALA B 101 1.28 -2.34 -27.28
N PHE B 102 2.03 -3.38 -26.92
CA PHE B 102 3.22 -3.76 -27.68
C PHE B 102 2.78 -4.24 -29.07
N GLN B 103 1.55 -4.74 -29.17
CA GLN B 103 1.05 -5.31 -30.41
C GLN B 103 0.60 -4.25 -31.39
N LYS B 104 0.23 -3.06 -30.89
CA LYS B 104 -0.11 -1.98 -31.82
C LYS B 104 1.16 -1.31 -32.34
N ALA B 105 2.21 -1.31 -31.55
CA ALA B 105 3.49 -0.76 -32.01
C ALA B 105 4.01 -1.54 -33.22
N GLU B 106 3.89 -2.87 -33.16
CA GLU B 106 4.35 -3.70 -34.26
C GLU B 106 3.49 -3.46 -35.49
N LYS B 107 2.20 -3.19 -35.25
CA LYS B 107 1.27 -2.90 -36.33
C LYS B 107 1.59 -1.56 -36.96
N ALA B 108 2.19 -0.66 -36.20
CA ALA B 108 2.50 0.68 -36.70
C ALA B 108 3.95 0.79 -37.16
N GLY B 109 4.64 -0.34 -37.25
CA GLY B 109 6.02 -0.37 -37.71
C GLY B 109 6.99 0.29 -36.76
N ILE B 110 6.46 0.80 -35.64
CA ILE B 110 7.23 1.47 -34.60
C ILE B 110 7.89 0.47 -33.66
N PRO B 111 9.24 0.45 -33.65
CA PRO B 111 10.08 -0.37 -32.76
C PRO B 111 9.87 -0.01 -31.30
N ILE B 112 9.73 -1.03 -30.46
CA ILE B 112 9.54 -0.78 -29.04
C ILE B 112 10.48 -1.67 -28.20
N ILE B 113 11.02 -1.07 -27.16
CA ILE B 113 11.97 -1.73 -26.28
C ILE B 113 11.33 -1.93 -24.91
N ASP B 114 11.26 -3.19 -24.48
CA ASP B 114 10.81 -3.52 -23.14
C ASP B 114 12.00 -3.36 -22.21
N LEU B 115 12.04 -2.25 -21.46
CA LEU B 115 13.14 -1.96 -20.51
C LEU B 115 12.79 -2.27 -19.06
N ASP B 116 13.81 -2.59 -18.26
CA ASP B 116 13.68 -2.86 -16.82
C ASP B 116 12.83 -4.08 -16.47
N VAL B 117 11.50 -3.89 -16.38
CA VAL B 117 10.56 -4.94 -16.03
C VAL B 117 10.13 -5.77 -17.25
N ARG B 118 10.38 -7.07 -17.23
CA ARG B 118 10.12 -7.91 -18.39
C ARG B 118 8.68 -8.46 -18.45
N LEU B 119 8.13 -8.45 -19.67
CA LEU B 119 6.82 -9.06 -19.94
C LEU B 119 6.81 -10.58 -19.67
N ASP B 120 5.65 -11.08 -19.26
CA ASP B 120 5.45 -12.49 -19.03
C ASP B 120 5.65 -13.25 -20.33
N ALA B 121 6.66 -14.11 -20.38
CA ALA B 121 6.98 -14.79 -21.62
C ALA B 121 5.93 -15.84 -22.02
N LYS B 122 5.23 -16.45 -21.07
CA LYS B 122 4.19 -17.41 -21.42
C LYS B 122 3.03 -16.71 -22.12
N ALA B 123 2.59 -15.56 -21.56
CA ALA B 123 1.49 -14.75 -22.11
C ALA B 123 1.79 -14.10 -23.46
N ALA B 124 3.03 -13.63 -23.62
CA ALA B 124 3.46 -13.05 -24.88
C ALA B 124 3.53 -14.12 -25.97
N GLU B 125 3.76 -15.36 -25.56
CA GLU B 125 3.77 -16.51 -26.46
C GLU B 125 2.35 -16.76 -26.96
N ALA B 126 1.39 -16.69 -26.04
CA ALA B 126 -0.03 -16.86 -26.36
C ALA B 126 -0.53 -15.84 -27.40
N ALA B 127 -0.23 -14.55 -27.18
CA ALA B 127 -0.70 -13.49 -28.06
C ALA B 127 0.05 -13.42 -29.39
N GLY B 128 1.02 -14.32 -29.57
CA GLY B 128 1.84 -14.32 -30.76
C GLY B 128 2.75 -13.10 -30.82
N LEU B 129 3.27 -12.69 -29.67
CA LEU B 129 4.06 -11.47 -29.56
C LEU B 129 5.59 -11.68 -29.54
N LYS B 130 6.25 -11.11 -30.54
CA LYS B 130 7.70 -11.01 -30.56
C LYS B 130 8.08 -9.71 -29.88
N PHE B 131 9.02 -9.78 -28.94
CA PHE B 131 9.40 -8.58 -28.25
C PHE B 131 10.82 -8.67 -27.73
N ASN B 132 11.41 -7.51 -27.51
CA ASN B 132 12.81 -7.39 -27.14
C ASN B 132 12.97 -6.71 -25.78
N TYR B 133 13.60 -7.41 -24.84
CA TYR B 133 13.80 -6.92 -23.48
C TYR B 133 15.23 -6.48 -23.20
N VAL B 134 15.39 -5.40 -22.44
CA VAL B 134 16.70 -4.95 -21.94
C VAL B 134 16.65 -4.78 -20.40
N GLY B 135 17.57 -5.42 -19.68
CA GLY B 135 17.53 -5.39 -18.21
C GLY B 135 18.69 -6.10 -17.49
N VAL B 136 18.35 -6.87 -16.47
CA VAL B 136 19.37 -7.51 -15.64
C VAL B 136 18.78 -8.83 -15.16
N ASP B 137 19.62 -9.84 -14.90
CA ASP B 137 19.11 -11.08 -14.32
C ASP B 137 18.89 -10.83 -12.83
N ASN B 138 17.65 -10.50 -12.49
CA ASN B 138 17.31 -10.05 -11.13
C ASN B 138 17.34 -11.18 -10.11
N PHE B 139 17.20 -12.42 -10.62
CA PHE B 139 17.25 -13.60 -9.77
C PHE B 139 18.70 -13.95 -9.42
N ASN B 140 19.59 -13.78 -10.38
CA ASN B 140 21.00 -13.99 -10.12
C ASN B 140 21.56 -12.80 -9.33
N GLY B 141 21.01 -11.61 -9.60
CA GLY B 141 21.37 -10.41 -8.88
C GLY B 141 21.14 -10.55 -7.39
N GLY B 142 19.90 -10.83 -6.98
CA GLY B 142 19.59 -11.02 -5.57
C GLY B 142 20.30 -12.21 -4.98
N TYR B 143 20.55 -13.20 -5.84
CA TYR B 143 21.35 -14.31 -5.39
C TYR B 143 22.71 -13.78 -4.96
N LEU B 144 23.41 -13.10 -5.85
CA LEU B 144 24.74 -12.57 -5.53
C LEU B 144 24.65 -11.64 -4.31
N GLU B 145 23.60 -10.86 -4.22
CA GLU B 145 23.46 -9.93 -3.09
C GLU B 145 23.33 -10.64 -1.73
N ALA B 146 22.49 -11.68 -1.66
CA ALA B 146 22.25 -12.34 -0.38
C ALA B 146 23.47 -13.17 -0.03
N LYS B 147 24.08 -13.70 -1.08
CA LYS B 147 25.30 -14.51 -0.96
C LYS B 147 26.38 -13.70 -0.23
N ASN B 148 26.53 -12.44 -0.60
CA ASN B 148 27.52 -11.56 0.02
C ASN B 148 27.20 -11.30 1.49
N LEU B 149 25.94 -11.03 1.77
CA LEU B 149 25.48 -10.78 3.13
C LEU B 149 25.67 -12.04 3.97
N ALA B 150 25.21 -13.17 3.43
CA ALA B 150 25.37 -14.47 4.12
C ALA B 150 26.80 -14.71 4.58
N GLU B 151 27.78 -14.44 3.71
CA GLU B 151 29.18 -14.56 4.06
C GLU B 151 29.60 -13.56 5.12
N ALA B 152 29.08 -12.34 5.00
CA ALA B 152 29.36 -11.24 5.95
C ALA B 152 28.84 -11.40 7.40
N ILE B 153 27.78 -12.19 7.61
CA ILE B 153 27.30 -12.37 8.97
C ILE B 153 27.75 -13.73 9.56
N GLY B 154 28.72 -14.37 8.90
CA GLY B 154 29.37 -15.55 9.46
C GLY B 154 28.88 -16.90 9.00
N LYS B 155 28.10 -16.92 7.91
CA LYS B 155 27.50 -18.12 7.36
C LYS B 155 26.48 -18.73 8.35
N LYS B 156 26.09 -17.90 9.33
CA LYS B 156 25.25 -18.28 10.45
C LYS B 156 24.46 -17.07 10.90
N GLY B 157 23.23 -17.25 11.38
CA GLY B 157 22.46 -16.13 11.89
C GLY B 157 21.01 -16.05 11.45
N ASN B 158 20.38 -14.90 11.65
CA ASN B 158 18.97 -14.67 11.34
C ASN B 158 18.77 -13.50 10.41
N VAL B 159 18.28 -13.77 9.21
CA VAL B 159 18.01 -12.71 8.28
C VAL B 159 16.51 -12.39 8.18
N ALA B 160 16.23 -11.15 7.75
CA ALA B 160 14.89 -10.72 7.39
C ALA B 160 14.91 -10.18 5.95
N ILE B 161 13.79 -10.29 5.25
CA ILE B 161 13.73 -9.84 3.87
C ILE B 161 12.73 -8.71 3.66
N LEU B 162 13.20 -7.59 3.12
CA LEU B 162 12.29 -6.55 2.70
C LEU B 162 12.10 -6.53 1.17
N GLU B 163 10.85 -6.76 0.76
CA GLU B 163 10.52 -6.98 -0.65
C GLU B 163 9.85 -5.80 -1.31
N GLY B 164 9.72 -5.88 -2.64
CA GLY B 164 9.09 -4.86 -3.44
C GLY B 164 7.60 -5.08 -3.46
N ILE B 165 6.89 -4.28 -4.25
CA ILE B 165 5.45 -4.48 -4.48
C ILE B 165 5.26 -5.96 -4.76
N PRO B 166 4.33 -6.60 -4.04
CA PRO B 166 4.02 -8.02 -4.22
C PRO B 166 3.85 -8.43 -5.69
N GLY B 167 3.20 -7.57 -6.48
CA GLY B 167 3.01 -7.83 -7.89
C GLY B 167 4.31 -7.99 -8.65
N VAL B 168 5.11 -6.92 -8.67
CA VAL B 168 6.26 -6.72 -9.56
C VAL B 168 7.25 -7.88 -9.68
N ASP B 169 7.54 -8.25 -10.92
CA ASP B 169 8.38 -9.41 -11.24
C ASP B 169 9.81 -9.27 -10.73
N ASN B 170 10.39 -8.08 -10.91
CA ASN B 170 11.76 -7.84 -10.48
C ASN B 170 11.95 -8.04 -8.98
N GLY B 171 10.95 -7.68 -8.20
CA GLY B 171 11.03 -7.88 -6.76
C GLY B 171 10.92 -9.35 -6.43
N GLU B 172 10.16 -10.07 -7.25
CA GLU B 172 9.91 -11.48 -7.02
C GLU B 172 11.12 -12.33 -7.38
N GLN B 173 11.80 -11.96 -8.46
CA GLN B 173 13.01 -12.66 -8.89
C GLN B 173 14.11 -12.55 -7.83
N ARG B 174 14.35 -11.33 -7.33
CA ARG B 174 15.41 -11.06 -6.36
C ARG B 174 15.25 -11.81 -5.03
N LYS B 175 14.02 -11.87 -4.51
CA LYS B 175 13.72 -12.64 -3.30
C LYS B 175 14.07 -14.13 -3.45
N GLY B 176 13.65 -14.74 -4.55
CA GLY B 176 13.86 -16.17 -4.77
C GLY B 176 15.30 -16.51 -5.08
N GLY B 177 16.04 -15.50 -5.52
CA GLY B 177 17.48 -15.59 -5.67
C GLY B 177 18.12 -15.60 -4.30
N ALA B 178 17.66 -14.70 -3.45
CA ALA B 178 18.14 -14.62 -2.06
C ALA B 178 17.83 -15.89 -1.24
N LEU B 179 16.62 -16.44 -1.41
CA LEU B 179 16.23 -17.69 -0.76
C LEU B 179 17.17 -18.85 -1.10
N LYS B 180 17.54 -18.92 -2.37
CA LYS B 180 18.51 -19.88 -2.86
C LYS B 180 19.84 -19.80 -2.10
N ALA B 181 20.28 -18.59 -1.82
CA ALA B 181 21.57 -18.34 -1.20
C ALA B 181 21.58 -18.66 0.30
N PHE B 182 20.53 -18.27 1.03
CA PHE B 182 20.49 -18.59 2.45
C PHE B 182 20.21 -20.06 2.67
N ALA B 183 19.66 -20.70 1.64
CA ALA B 183 19.44 -22.15 1.62
C ALA B 183 20.77 -22.88 1.61
N GLU B 184 21.82 -22.20 1.14
CA GLU B 184 23.17 -22.77 1.10
C GLU B 184 23.88 -22.63 2.42
N TYR B 185 23.19 -22.04 3.38
CA TYR B 185 23.73 -21.85 4.72
C TYR B 185 22.73 -22.38 5.72
N PRO B 186 22.93 -23.65 6.13
CA PRO B 186 22.14 -24.36 7.12
C PRO B 186 22.06 -23.59 8.45
N ASP B 187 23.01 -22.71 8.71
CA ASP B 187 23.01 -21.93 9.95
C ASP B 187 22.39 -20.52 9.80
N ILE B 188 22.01 -20.15 8.59
CA ILE B 188 21.21 -18.93 8.44
C ILE B 188 19.76 -19.33 8.26
N LYS B 189 18.91 -18.68 9.04
CA LYS B 189 17.48 -18.91 8.99
C LYS B 189 16.77 -17.61 8.60
N ILE B 190 15.82 -17.70 7.67
CA ILE B 190 14.94 -16.57 7.38
C ILE B 190 13.80 -16.53 8.41
N VAL B 191 13.74 -15.45 9.19
CA VAL B 191 12.80 -15.40 10.30
C VAL B 191 11.71 -14.38 10.09
N ALA B 192 11.89 -13.51 9.10
CA ALA B 192 10.85 -12.58 8.70
C ALA B 192 10.97 -12.27 7.20
N SER B 193 9.87 -11.79 6.63
CA SER B 193 9.87 -11.26 5.28
C SER B 193 8.62 -10.43 5.09
N GLN B 194 8.80 -9.22 4.58
CA GLN B 194 7.71 -8.26 4.45
C GLN B 194 8.04 -7.21 3.41
N SER B 195 7.02 -6.72 2.72
CA SER B 195 7.17 -5.69 1.69
C SER B 195 7.13 -4.26 2.24
N ALA B 196 7.83 -3.35 1.57
CA ALA B 196 7.82 -1.91 1.90
C ALA B 196 7.66 -1.13 0.65
N ASN B 197 7.02 -1.87 -0.24
CA ASN B 197 6.96 -1.77 -1.71
C ASN B 197 7.74 -0.63 -2.34
N TRP B 198 9.07 -0.82 -2.30
CA TRP B 198 10.08 0.01 -2.95
C TRP B 198 10.32 1.37 -2.28
N GLU B 199 9.72 1.56 -1.12
CA GLU B 199 9.67 2.85 -0.46
C GLU B 199 10.56 2.93 0.79
N THR B 200 11.24 4.06 0.98
CA THR B 200 12.07 4.23 2.16
C THR B 200 11.19 4.34 3.40
N GLU B 201 10.17 5.21 3.34
CA GLU B 201 9.35 5.45 4.53
C GLU B 201 8.71 4.19 5.10
N GLN B 202 8.30 3.23 4.26
CA GLN B 202 7.62 2.07 4.78
C GLN B 202 8.63 1.17 5.39
N ALA B 203 9.83 1.22 4.81
CA ALA B 203 10.95 0.36 5.17
C ALA B 203 11.47 0.68 6.57
N LEU B 204 11.50 1.97 6.89
CA LEU B 204 11.78 2.42 8.24
C LEU B 204 10.78 1.79 9.20
N ASN B 205 9.51 2.12 8.98
CA ASN B 205 8.40 1.59 9.75
C ASN B 205 8.47 0.07 9.91
N VAL B 206 8.64 -0.66 8.82
CA VAL B 206 8.59 -2.13 8.89
C VAL B 206 9.77 -2.72 9.65
N THR B 207 10.98 -2.37 9.21
CA THR B 207 12.22 -2.82 9.84
C THR B 207 12.20 -2.57 11.34
N THR B 208 11.70 -1.39 11.75
CA THR B 208 11.54 -1.10 13.16
C THR B 208 10.70 -2.19 13.83
N ASN B 209 9.57 -2.55 13.19
CA ASN B 209 8.68 -3.55 13.78
C ASN B 209 9.29 -4.94 13.73
N ILE B 210 9.98 -5.25 12.65
CA ILE B 210 10.69 -6.52 12.54
C ILE B 210 11.76 -6.62 13.62
N LEU B 211 12.38 -5.50 13.97
CA LEU B 211 13.52 -5.48 14.88
C LEU B 211 13.13 -5.67 16.35
N THR B 212 11.83 -5.77 16.60
CA THR B 212 11.37 -5.83 17.98
C THR B 212 10.62 -7.10 18.30
N ALA B 213 10.42 -7.94 17.29
CA ALA B 213 9.68 -9.18 17.49
C ALA B 213 10.56 -10.39 17.21
N ASN B 214 11.73 -10.11 16.63
CA ASN B 214 12.77 -11.11 16.43
C ASN B 214 14.04 -10.58 17.08
N PRO B 215 14.45 -11.21 18.19
CA PRO B 215 15.32 -10.60 19.20
C PRO B 215 16.78 -10.53 18.77
N ASN B 216 17.17 -11.41 17.84
CA ASN B 216 18.53 -11.44 17.33
C ASN B 216 18.56 -11.49 15.82
N ILE B 217 18.15 -10.40 15.18
CA ILE B 217 18.31 -10.30 13.74
C ILE B 217 19.73 -9.86 13.43
N ASN B 218 20.38 -10.60 12.54
CA ASN B 218 21.78 -10.37 12.16
C ASN B 218 21.92 -9.57 10.88
N GLY B 219 21.08 -9.87 9.90
CA GLY B 219 21.14 -9.20 8.62
C GLY B 219 19.77 -8.95 8.04
N ILE B 220 19.68 -7.98 7.13
CA ILE B 220 18.45 -7.67 6.43
C ILE B 220 18.67 -7.57 4.91
N PHE B 221 17.84 -8.29 4.15
CA PHE B 221 17.91 -8.24 2.69
C PHE B 221 16.84 -7.31 2.14
N ALA B 222 17.26 -6.27 1.42
CA ALA B 222 16.30 -5.40 0.76
C ALA B 222 16.28 -5.57 -0.79
N ALA B 223 15.10 -5.48 -1.38
CA ALA B 223 14.93 -5.66 -2.83
C ALA B 223 15.28 -4.42 -3.65
N ASN B 224 15.46 -3.28 -2.99
CA ASN B 224 16.02 -2.12 -3.66
C ASN B 224 16.71 -1.21 -2.67
N ASP B 225 17.45 -0.24 -3.19
CA ASP B 225 18.29 0.62 -2.36
C ASP B 225 17.47 1.54 -1.48
N ASN B 226 16.33 2.00 -1.97
CA ASN B 226 15.46 2.83 -1.15
C ASN B 226 15.04 2.13 0.12
N MET B 227 14.65 0.87 0.02
CA MET B 227 14.21 0.13 1.21
C MET B 227 15.40 -0.19 2.13
N ALA B 228 16.53 -0.51 1.53
CA ALA B 228 17.78 -0.75 2.26
C ALA B 228 18.14 0.44 3.12
N ILE B 229 17.97 1.65 2.59
CA ILE B 229 18.25 2.89 3.33
C ILE B 229 17.37 3.07 4.56
N GLY B 230 16.06 2.90 4.37
CA GLY B 230 15.14 2.94 5.49
C GLY B 230 15.48 1.90 6.54
N ALA B 231 15.92 0.72 6.09
CA ALA B 231 16.34 -0.36 6.97
C ALA B 231 17.52 0.04 7.87
N VAL B 232 18.48 0.75 7.29
CA VAL B 232 19.61 1.27 8.02
C VAL B 232 19.17 2.33 9.03
N THR B 233 18.17 3.11 8.66
CA THR B 233 17.61 4.11 9.57
C THR B 233 16.95 3.42 10.80
N ALA B 234 16.25 2.30 10.56
CA ALA B 234 15.65 1.56 11.68
C ALA B 234 16.73 0.86 12.50
N VAL B 235 17.70 0.23 11.85
CA VAL B 235 18.81 -0.39 12.56
C VAL B 235 19.54 0.65 13.43
N GLU B 236 20.05 1.73 12.85
CA GLU B 236 20.84 2.68 13.64
C GLU B 236 19.98 3.40 14.70
N ASN B 237 18.67 3.38 14.52
CA ASN B 237 17.76 3.98 15.50
C ASN B 237 17.66 3.16 16.77
N ALA B 238 17.76 1.84 16.63
CA ALA B 238 17.71 0.94 17.78
C ALA B 238 19.11 0.76 18.35
N GLY B 239 20.05 1.53 17.80
CA GLY B 239 21.43 1.49 18.25
C GLY B 239 22.03 0.14 17.98
N LEU B 240 21.84 -0.36 16.77
CA LEU B 240 22.34 -1.67 16.34
C LEU B 240 23.38 -1.53 15.25
N ALA B 241 24.02 -0.36 15.20
CA ALA B 241 25.08 -0.09 14.23
C ALA B 241 26.23 -1.09 14.32
N GLY B 242 26.32 -1.99 13.34
CA GLY B 242 27.37 -3.01 13.28
C GLY B 242 26.86 -4.40 13.58
N LYS B 243 25.79 -4.45 14.37
CA LYS B 243 25.22 -5.70 14.85
C LYS B 243 24.27 -6.29 13.82
N VAL B 244 23.69 -5.43 12.99
CA VAL B 244 22.84 -5.87 11.91
C VAL B 244 23.32 -5.33 10.57
N LEU B 245 23.54 -6.24 9.63
CA LEU B 245 24.11 -5.90 8.35
C LEU B 245 23.02 -5.83 7.30
N VAL B 246 22.99 -4.74 6.53
CA VAL B 246 21.90 -4.52 5.57
C VAL B 246 22.38 -4.46 4.11
N SER B 247 21.88 -5.37 3.26
CA SER B 247 22.23 -5.37 1.83
C SER B 247 21.10 -4.81 0.93
N GLY B 248 21.48 -4.10 -0.12
CA GLY B 248 20.49 -3.50 -1.02
C GLY B 248 20.56 -3.88 -2.49
N TYR B 249 20.00 -3.05 -3.36
CA TYR B 249 19.96 -3.38 -4.79
C TYR B 249 19.56 -2.15 -5.58
N ASP B 250 20.31 -1.84 -6.67
CA ASP B 250 20.14 -0.73 -7.65
C ASP B 250 21.46 -0.04 -7.96
N GLY B 251 22.09 0.53 -6.93
CA GLY B 251 23.35 1.23 -7.09
C GLY B 251 23.24 2.74 -7.07
N ILE B 252 22.21 3.27 -6.40
CA ILE B 252 22.00 4.72 -6.35
C ILE B 252 23.06 5.33 -5.45
N PRO B 253 23.46 6.58 -5.75
CA PRO B 253 24.55 7.28 -5.07
C PRO B 253 24.53 7.20 -3.55
N LEU B 254 23.37 7.39 -2.93
CA LEU B 254 23.29 7.31 -1.48
C LEU B 254 23.56 5.90 -1.01
N ALA B 255 23.04 4.92 -1.75
CA ALA B 255 23.29 3.53 -1.43
C ALA B 255 24.79 3.21 -1.56
N ILE B 256 25.45 3.83 -2.54
CA ILE B 256 26.88 3.67 -2.75
C ILE B 256 27.67 4.24 -1.59
N GLU B 257 27.46 5.53 -1.32
CA GLU B 257 28.11 6.19 -0.18
C GLU B 257 27.90 5.38 1.11
N TYR B 258 26.69 4.88 1.32
CA TYR B 258 26.41 4.08 2.50
C TYR B 258 27.33 2.85 2.65
N VAL B 259 27.84 2.33 1.54
CA VAL B 259 28.75 1.20 1.65
C VAL B 259 30.20 1.64 1.97
N LYS B 260 30.63 2.77 1.38
CA LYS B 260 31.88 3.44 1.79
C LYS B 260 31.93 3.66 3.29
N GLN B 261 30.88 4.28 3.83
CA GLN B 261 30.81 4.57 5.24
C GLN B 261 30.59 3.31 6.10
N GLY B 262 30.14 2.22 5.50
CA GLY B 262 29.93 0.99 6.24
C GLY B 262 28.48 0.68 6.62
N LYS B 263 27.57 1.64 6.41
CA LYS B 263 26.15 1.47 6.74
C LYS B 263 25.57 0.19 6.11
N MET B 264 25.63 0.13 4.79
CA MET B 264 25.14 -1.02 4.04
C MET B 264 26.29 -1.99 3.70
N GLN B 265 26.01 -3.29 3.79
CA GLN B 265 26.99 -4.32 3.48
C GLN B 265 27.25 -4.32 2.00
N ASN B 266 26.19 -4.53 1.22
CA ASN B 266 26.34 -4.34 -0.21
C ASN B 266 25.10 -3.72 -0.87
N THR B 267 25.31 -3.13 -2.05
CA THR B 267 24.25 -2.87 -3.02
C THR B 267 24.71 -3.53 -4.29
N ILE B 268 23.78 -3.86 -5.19
CA ILE B 268 24.11 -4.41 -6.51
C ILE B 268 23.93 -3.35 -7.60
N ASP B 269 25.03 -2.89 -8.19
CA ASP B 269 24.91 -1.85 -9.18
C ASP B 269 24.40 -2.41 -10.48
N GLN B 270 23.09 -2.27 -10.64
CA GLN B 270 22.34 -2.68 -11.83
C GLN B 270 22.75 -1.93 -13.11
N LEU B 271 23.68 -0.98 -13.01
CA LEU B 271 24.13 -0.18 -14.14
C LEU B 271 23.01 0.46 -15.00
N PRO B 272 22.24 1.41 -14.42
CA PRO B 272 21.03 1.97 -15.06
C PRO B 272 21.28 2.77 -16.36
N LYS B 273 22.42 3.44 -16.43
CA LYS B 273 22.78 4.24 -17.60
C LYS B 273 23.17 3.34 -18.79
N LYS B 274 23.81 2.21 -18.49
CA LYS B 274 24.07 1.19 -19.51
C LYS B 274 22.77 0.65 -20.05
N GLN B 275 21.93 0.16 -19.14
CA GLN B 275 20.63 -0.37 -19.53
C GLN B 275 19.90 0.59 -20.45
N VAL B 276 19.65 1.80 -20.01
CA VAL B 276 18.90 2.70 -20.86
C VAL B 276 19.65 2.98 -22.16
N ALA B 277 20.98 3.08 -22.12
CA ALA B 277 21.75 3.32 -23.34
C ALA B 277 21.64 2.16 -24.33
N ILE B 278 21.80 0.92 -23.86
CA ILE B 278 21.57 -0.28 -24.70
C ILE B 278 20.21 -0.24 -25.39
N ALA B 279 19.16 0.07 -24.62
CA ALA B 279 17.83 0.25 -25.15
C ALA B 279 17.83 1.21 -26.34
N ILE B 280 18.30 2.44 -26.08
CA ILE B 280 18.42 3.47 -27.11
C ILE B 280 19.23 2.95 -28.31
N GLU B 281 20.25 2.14 -28.05
CA GLU B 281 21.07 1.60 -29.13
C GLU B 281 20.34 0.45 -29.83
N HIS B 282 19.49 -0.27 -29.10
CA HIS B 282 18.71 -1.35 -29.70
C HIS B 282 17.56 -0.75 -30.53
N ALA B 283 16.96 0.31 -30.00
CA ALA B 283 15.96 1.09 -30.75
C ALA B 283 16.44 1.44 -32.14
N LEU B 284 17.55 2.17 -32.21
CA LEU B 284 18.18 2.59 -33.46
C LEU B 284 18.52 1.48 -34.46
N LYS B 285 18.96 0.33 -33.97
CA LYS B 285 19.25 -0.78 -34.86
C LYS B 285 17.98 -1.25 -35.54
N GLN B 286 16.87 -1.20 -34.82
CA GLN B 286 15.59 -1.63 -35.38
C GLN B 286 15.08 -0.64 -36.43
N ILE B 287 15.10 0.64 -36.12
CA ILE B 287 14.79 1.67 -37.11
C ILE B 287 15.61 1.50 -38.37
N ASN B 288 16.90 1.20 -38.20
CA ASN B 288 17.78 0.92 -39.33
C ASN B 288 17.79 -0.56 -39.74
N LYS B 289 16.66 -1.25 -39.50
CA LYS B 289 16.39 -2.56 -40.09
C LYS B 289 17.32 -3.71 -39.62
N GLN B 290 17.87 -3.61 -38.40
CA GLN B 290 18.87 -4.60 -37.97
C GLN B 290 18.42 -5.51 -36.80
N GLU B 291 18.93 -6.74 -36.78
CA GLU B 291 18.55 -7.73 -35.78
C GLU B 291 19.17 -7.48 -34.41
N ILE B 292 18.33 -7.22 -33.42
CA ILE B 292 18.73 -7.16 -32.02
C ILE B 292 18.37 -8.50 -31.35
N PRO B 293 18.91 -8.77 -30.13
CA PRO B 293 18.57 -9.99 -29.39
C PRO B 293 17.30 -9.87 -28.55
N SER B 294 16.64 -11.00 -28.29
CA SER B 294 15.35 -10.97 -27.60
C SER B 294 15.45 -10.63 -26.10
N VAL B 295 16.51 -11.10 -25.43
CA VAL B 295 16.77 -10.71 -24.04
C VAL B 295 18.23 -10.22 -23.92
N TYR B 296 18.45 -9.11 -23.24
CA TYR B 296 19.80 -8.60 -23.00
C TYR B 296 20.02 -8.32 -21.52
N TYR B 297 21.05 -8.96 -20.97
CA TYR B 297 21.35 -8.92 -19.55
C TYR B 297 22.72 -8.32 -19.35
N VAL B 298 22.74 -7.06 -18.89
CA VAL B 298 23.98 -6.41 -18.49
C VAL B 298 24.49 -7.03 -17.18
N ASP B 299 25.82 -7.10 -17.02
CA ASP B 299 26.36 -7.82 -15.87
C ASP B 299 26.40 -6.92 -14.64
N PRO B 300 25.77 -7.38 -13.54
CA PRO B 300 25.71 -6.50 -12.37
C PRO B 300 27.07 -6.30 -11.74
N VAL B 301 27.15 -5.36 -10.82
CA VAL B 301 28.34 -5.16 -10.01
C VAL B 301 28.00 -5.32 -8.53
N VAL B 302 28.53 -6.35 -7.88
CA VAL B 302 28.38 -6.44 -6.43
C VAL B 302 29.26 -5.37 -5.77
N VAL B 303 28.63 -4.52 -4.95
CA VAL B 303 29.33 -3.37 -4.38
C VAL B 303 29.37 -3.48 -2.88
N ASP B 304 30.48 -4.00 -2.36
CA ASP B 304 30.73 -4.00 -0.93
C ASP B 304 31.91 -3.07 -0.67
N LYS B 305 32.25 -2.83 0.61
CA LYS B 305 33.30 -1.86 0.99
C LYS B 305 34.54 -1.94 0.09
N GLU B 306 34.89 -3.16 -0.30
CA GLU B 306 36.04 -3.39 -1.15
C GLU B 306 35.84 -2.77 -2.53
N GLN B 307 34.69 -3.00 -3.18
CA GLN B 307 34.40 -2.33 -4.45
C GLN B 307 34.22 -0.82 -4.27
N SER B 308 33.43 -0.44 -3.26
CA SER B 308 32.96 0.94 -3.10
C SER B 308 34.06 2.00 -3.31
N LYS B 309 35.30 1.65 -2.99
CA LYS B 309 36.43 2.57 -3.12
C LYS B 309 36.58 3.13 -4.55
N ASN B 310 36.12 2.38 -5.55
CA ASN B 310 36.29 2.75 -6.96
C ASN B 310 35.13 3.60 -7.55
N TYR B 311 34.18 3.98 -6.71
CA TYR B 311 33.10 4.90 -7.09
C TYR B 311 33.37 6.33 -6.60
N LYS C 26 34.44 14.00 25.97
CA LYS C 26 33.83 14.20 24.66
C LYS C 26 32.39 14.69 24.83
N PRO C 27 31.94 15.60 23.94
CA PRO C 27 30.56 16.12 24.03
C PRO C 27 29.60 15.33 23.14
N GLN C 28 28.40 15.09 23.64
CA GLN C 28 27.48 14.13 23.02
C GLN C 28 26.16 14.80 22.62
N ILE C 29 26.02 15.11 21.33
CA ILE C 29 24.90 15.89 20.81
C ILE C 29 23.92 15.06 19.99
N ALA C 30 22.66 15.09 20.39
CA ALA C 30 21.60 14.38 19.71
C ALA C 30 21.02 15.20 18.58
N LEU C 31 21.10 14.69 17.36
CA LEU C 31 20.32 15.22 16.24
C LEU C 31 19.07 14.34 15.99
N LEU C 32 17.90 14.94 16.15
CA LEU C 32 16.62 14.25 16.02
C LEU C 32 15.77 14.84 14.90
N MET C 33 15.67 14.13 13.77
CA MET C 33 15.13 14.70 12.54
C MET C 33 13.74 14.19 12.17
N LYS C 34 12.95 15.07 11.58
CA LYS C 34 11.57 14.79 11.17
C LYS C 34 11.42 13.55 10.27
N THR C 35 12.29 13.49 9.26
CA THR C 35 12.26 12.43 8.27
C THR C 35 13.60 12.34 7.56
N LEU C 36 13.91 11.18 7.00
CA LEU C 36 15.13 11.03 6.20
C LEU C 36 14.84 10.42 4.83
N SER C 37 13.63 10.71 4.33
CA SER C 37 13.25 10.37 2.96
C SER C 37 13.50 11.55 2.02
N ASN C 38 12.95 12.70 2.42
CA ASN C 38 13.29 14.01 1.85
C ASN C 38 14.79 14.19 1.61
N GLU C 39 15.18 14.55 0.39
CA GLU C 39 16.60 14.76 0.08
C GLU C 39 17.18 15.96 0.81
N TYR C 40 16.31 16.90 1.19
CA TYR C 40 16.74 18.11 1.86
C TYR C 40 17.34 17.78 3.23
N PHE C 41 16.76 16.81 3.92
CA PHE C 41 17.23 16.45 5.26
C PHE C 41 18.36 15.43 5.20
N ILE C 42 18.44 14.66 4.12
CA ILE C 42 19.61 13.80 3.91
C ILE C 42 20.86 14.67 3.81
N SER C 43 20.72 15.80 3.11
CA SER C 43 21.77 16.82 3.03
C SER C 43 22.12 17.33 4.41
N MET C 44 21.08 17.68 5.15
CA MET C 44 21.26 18.22 6.48
C MET C 44 21.98 17.23 7.39
N ARG C 45 21.67 15.94 7.24
CA ARG C 45 22.34 14.94 8.05
C ARG C 45 23.82 14.79 7.63
N GLN C 46 24.07 14.87 6.33
CA GLN C 46 25.45 14.74 5.84
C GLN C 46 26.27 15.94 6.26
N GLY C 47 25.69 17.14 6.15
CA GLY C 47 26.35 18.32 6.68
C GLY C 47 26.65 18.17 8.16
N ALA C 48 25.68 17.68 8.91
CA ALA C 48 25.80 17.49 10.35
C ALA C 48 27.00 16.63 10.72
N GLU C 49 27.25 15.59 9.93
CA GLU C 49 28.29 14.64 10.26
C GLU C 49 29.68 15.13 9.87
N GLU C 50 29.77 16.01 8.88
CA GLU C 50 31.07 16.60 8.56
C GLU C 50 31.42 17.62 9.65
N THR C 51 30.38 18.17 10.25
CA THR C 51 30.59 19.18 11.28
C THR C 51 30.87 18.50 12.59
N ALA C 52 30.17 17.40 12.84
CA ALA C 52 30.26 16.76 14.14
C ALA C 52 31.65 16.20 14.35
N LYS C 53 32.37 15.91 13.26
CA LYS C 53 33.70 15.35 13.38
C LYS C 53 34.76 16.43 13.41
N GLN C 54 34.56 17.49 12.63
CA GLN C 54 35.50 18.60 12.60
C GLN C 54 35.55 19.33 13.96
N LYS C 55 34.44 19.30 14.71
CA LYS C 55 34.37 19.95 16.02
C LYS C 55 34.40 18.91 17.15
N ASP C 56 34.67 17.66 16.78
CA ASP C 56 34.86 16.52 17.70
C ASP C 56 33.69 16.19 18.63
N ILE C 57 32.51 16.13 18.03
CA ILE C 57 31.31 15.73 18.73
C ILE C 57 30.97 14.29 18.33
N ASP C 58 30.41 13.53 19.28
CA ASP C 58 29.79 12.26 18.97
C ASP C 58 28.31 12.52 18.61
N LEU C 59 27.99 12.43 17.32
CA LEU C 59 26.64 12.78 16.83
C LEU C 59 25.73 11.56 16.81
N ILE C 60 24.57 11.69 17.45
CA ILE C 60 23.57 10.61 17.50
C ILE C 60 22.36 10.90 16.66
N VAL C 61 22.30 10.35 15.45
CA VAL C 61 21.19 10.63 14.56
C VAL C 61 20.07 9.61 14.67
N GLN C 62 18.90 10.10 15.06
CA GLN C 62 17.70 9.28 15.07
C GLN C 62 16.57 10.03 14.40
N VAL C 63 15.81 9.30 13.60
CA VAL C 63 14.74 9.88 12.79
C VAL C 63 13.35 9.36 13.19
N ALA C 64 12.31 10.10 12.85
CA ALA C 64 10.94 9.69 13.13
C ALA C 64 10.41 8.86 11.97
N GLU C 65 9.53 7.91 12.28
CA GLU C 65 8.92 7.08 11.25
C GLU C 65 7.91 7.88 10.46
N LYS C 66 6.64 7.68 10.75
CA LYS C 66 5.59 8.53 10.20
C LYS C 66 6.05 9.96 10.46
N GLU C 67 6.45 10.63 9.39
CA GLU C 67 6.82 12.04 9.46
C GLU C 67 5.75 12.76 10.25
N ASP C 68 4.52 12.57 9.79
CA ASP C 68 3.30 13.07 10.43
C ASP C 68 3.26 12.85 11.94
N SER C 69 3.73 11.68 12.39
CA SER C 69 3.61 11.28 13.79
C SER C 69 4.42 12.12 14.79
N THR C 70 3.75 13.05 15.45
CA THR C 70 4.38 13.91 16.45
C THR C 70 4.78 13.11 17.70
N GLU C 71 3.79 12.54 18.41
CA GLU C 71 4.04 11.63 19.55
C GLU C 71 5.36 10.88 19.48
N GLN C 72 5.71 10.35 18.30
CA GLN C 72 6.92 9.54 18.14
C GLN C 72 8.22 10.36 18.12
N LEU C 73 8.15 11.60 17.67
CA LEU C 73 9.35 12.44 17.71
C LEU C 73 9.52 13.04 19.10
N VAL C 74 8.42 13.21 19.81
CA VAL C 74 8.54 13.70 21.17
C VAL C 74 9.21 12.65 22.01
N GLY C 75 8.94 11.39 21.70
CA GLY C 75 9.54 10.28 22.43
C GLY C 75 11.05 10.31 22.34
N LEU C 76 11.55 10.55 21.13
CA LEU C 76 12.99 10.68 20.88
C LEU C 76 13.62 11.75 21.76
N VAL C 77 13.06 12.96 21.72
CA VAL C 77 13.55 14.05 22.57
C VAL C 77 13.60 13.65 24.04
N GLU C 78 12.48 13.13 24.56
CA GLU C 78 12.44 12.62 25.94
C GLU C 78 13.53 11.56 26.18
N ASN C 79 13.63 10.55 25.32
CA ASN C 79 14.67 9.52 25.43
C ASN C 79 16.08 10.10 25.63
N MET C 80 16.49 11.01 24.75
CA MET C 80 17.78 11.70 24.86
C MET C 80 17.90 12.47 26.16
N ILE C 81 16.77 12.99 26.67
CA ILE C 81 16.78 13.73 27.92
C ILE C 81 17.02 12.78 29.09
N ALA C 82 16.50 11.58 28.95
CA ALA C 82 16.66 10.57 29.99
C ALA C 82 18.05 9.93 29.94
N LYS C 83 18.67 9.94 28.77
CA LYS C 83 19.99 9.33 28.59
C LYS C 83 21.07 10.34 28.91
N LYS C 84 20.64 11.57 29.16
CA LYS C 84 21.56 12.62 29.59
C LYS C 84 22.58 12.89 28.49
N VAL C 85 22.08 13.22 27.31
CA VAL C 85 22.97 13.68 26.25
C VAL C 85 23.49 15.06 26.67
N ASP C 86 24.50 15.53 25.97
CA ASP C 86 25.10 16.78 26.38
C ASP C 86 24.35 17.98 25.74
N ALA C 87 23.60 17.69 24.68
CA ALA C 87 22.76 18.67 23.98
C ALA C 87 21.85 17.99 22.95
N ILE C 88 20.68 18.58 22.71
CA ILE C 88 19.74 18.05 21.71
C ILE C 88 19.43 19.09 20.65
N ILE C 89 19.56 18.70 19.39
CA ILE C 89 19.08 19.53 18.29
C ILE C 89 17.89 18.84 17.65
N VAL C 90 16.72 19.45 17.68
CA VAL C 90 15.55 18.78 17.13
C VAL C 90 14.88 19.67 16.08
N THR C 91 14.41 19.04 15.00
CA THR C 91 13.61 19.68 13.94
C THR C 91 12.14 19.24 14.08
N PRO C 92 11.32 20.05 14.76
CA PRO C 92 10.02 19.59 15.27
C PRO C 92 9.01 19.11 14.23
N ASN C 93 8.28 18.06 14.59
CA ASN C 93 7.10 17.56 13.88
C ASN C 93 5.86 18.46 13.97
N ASP C 94 5.96 19.52 14.76
CA ASP C 94 4.78 20.23 15.26
C ASP C 94 5.23 21.47 16.04
N SER C 95 4.47 22.56 16.05
CA SER C 95 4.95 23.78 16.72
C SER C 95 4.52 23.92 18.21
N ILE C 96 3.66 23.04 18.69
CA ILE C 96 3.10 23.17 20.04
C ILE C 96 3.43 21.98 20.97
N ALA C 97 3.41 20.76 20.44
CA ALA C 97 3.56 19.55 21.25
C ALA C 97 4.93 19.36 21.83
N PHE C 98 5.91 20.10 21.33
CA PHE C 98 7.30 19.88 21.74
C PHE C 98 7.65 20.79 22.89
N ILE C 99 6.85 21.83 23.06
CA ILE C 99 7.02 22.77 24.16
C ILE C 99 7.24 22.05 25.50
N PRO C 100 6.39 21.08 25.86
CA PRO C 100 6.62 20.37 27.14
C PRO C 100 7.97 19.64 27.24
N ALA C 101 8.41 19.03 26.14
CA ALA C 101 9.72 18.38 26.12
C ALA C 101 10.87 19.39 26.15
N PHE C 102 10.67 20.53 25.50
CA PHE C 102 11.68 21.58 25.54
C PHE C 102 11.90 22.06 26.98
N GLN C 103 10.82 22.16 27.76
CA GLN C 103 10.96 22.62 29.13
C GLN C 103 11.33 21.49 30.11
N LYS C 104 11.28 20.25 29.65
CA LYS C 104 11.92 19.13 30.36
C LYS C 104 13.45 19.19 30.18
N ALA C 105 13.88 19.45 28.95
CA ALA C 105 15.28 19.61 28.61
C ALA C 105 15.92 20.71 29.42
N GLU C 106 15.14 21.74 29.76
CA GLU C 106 15.63 22.81 30.62
C GLU C 106 15.90 22.26 31.99
N LYS C 107 14.86 21.67 32.57
CA LYS C 107 14.87 21.25 33.97
C LYS C 107 15.89 20.14 34.25
N ALA C 108 16.42 19.58 33.17
CA ALA C 108 17.47 18.57 33.24
C ALA C 108 18.84 19.13 32.86
N GLY C 109 18.89 20.41 32.48
CA GLY C 109 20.15 21.09 32.19
C GLY C 109 20.79 20.68 30.88
N ILE C 110 19.95 20.19 29.96
CA ILE C 110 20.39 19.87 28.62
C ILE C 110 20.07 20.99 27.66
N PRO C 111 21.11 21.65 27.14
CA PRO C 111 20.92 22.63 26.06
C PRO C 111 20.12 22.00 24.91
N ILE C 112 19.09 22.71 24.45
CA ILE C 112 18.28 22.23 23.35
C ILE C 112 18.05 23.34 22.33
N ILE C 113 18.20 23.00 21.07
CA ILE C 113 18.07 23.94 19.96
C ILE C 113 16.90 23.52 19.08
N ASP C 114 16.07 24.50 18.73
CA ASP C 114 14.91 24.32 17.87
C ASP C 114 15.26 24.60 16.40
N LEU C 115 15.39 23.56 15.57
CA LEU C 115 15.86 23.70 14.17
C LEU C 115 14.75 23.56 13.13
N ASP C 116 14.78 24.42 12.12
CA ASP C 116 13.93 24.36 10.90
C ASP C 116 12.48 24.81 11.08
N VAL C 117 11.68 23.96 11.72
CA VAL C 117 10.30 24.31 12.10
C VAL C 117 10.34 25.00 13.49
N ARG C 118 9.77 26.19 13.59
CA ARG C 118 9.84 26.93 14.84
C ARG C 118 8.61 26.66 15.70
N LEU C 119 8.81 26.58 17.02
CA LEU C 119 7.71 26.42 17.96
C LEU C 119 6.80 27.62 17.90
N ASP C 120 5.50 27.40 18.10
CA ASP C 120 4.53 28.49 18.10
C ASP C 120 4.88 29.48 19.21
N ALA C 121 5.00 30.76 18.87
CA ALA C 121 5.51 31.75 19.81
C ALA C 121 4.51 32.19 20.89
N LYS C 122 3.22 32.22 20.56
CA LYS C 122 2.25 32.67 21.54
C LYS C 122 1.90 31.55 22.51
N ALA C 123 2.27 30.31 22.16
CA ALA C 123 2.17 29.18 23.09
C ALA C 123 3.46 29.02 23.92
N ALA C 124 4.58 29.35 23.29
CA ALA C 124 5.85 29.41 24.00
C ALA C 124 5.72 30.45 25.08
N GLU C 125 5.18 31.60 24.73
CA GLU C 125 4.97 32.68 25.68
C GLU C 125 4.20 32.15 26.87
N ALA C 126 3.04 31.55 26.58
CA ALA C 126 2.09 31.19 27.64
C ALA C 126 2.63 30.09 28.57
N ALA C 127 3.59 29.32 28.07
CA ALA C 127 4.22 28.27 28.86
C ALA C 127 5.45 28.81 29.58
N GLY C 128 5.75 30.08 29.33
CA GLY C 128 6.90 30.74 29.93
C GLY C 128 8.24 30.20 29.44
N LEU C 129 8.20 29.47 28.32
CA LEU C 129 9.37 28.77 27.78
C LEU C 129 10.32 29.66 26.99
N LYS C 130 11.57 29.72 27.43
CA LYS C 130 12.62 30.38 26.63
C LYS C 130 13.33 29.33 25.79
N PHE C 131 13.26 29.51 24.47
CA PHE C 131 13.86 28.55 23.57
C PHE C 131 14.67 29.25 22.48
N ASN C 132 15.52 28.48 21.82
CA ASN C 132 16.42 29.02 20.81
C ASN C 132 16.19 28.36 19.46
N TYR C 133 15.86 29.17 18.46
CA TYR C 133 15.58 28.69 17.10
C TYR C 133 16.66 29.11 16.11
N VAL C 134 17.00 28.22 15.17
CA VAL C 134 17.87 28.60 14.07
C VAL C 134 17.32 28.04 12.73
N GLY C 135 17.22 28.89 11.71
CA GLY C 135 16.67 28.48 10.43
C GLY C 135 16.78 29.52 9.31
N VAL C 136 15.62 29.89 8.77
CA VAL C 136 15.56 30.88 7.70
C VAL C 136 14.25 31.65 7.84
N ASP C 137 14.22 32.89 7.37
CA ASP C 137 12.95 33.62 7.32
C ASP C 137 12.21 33.11 6.11
N ASN C 138 11.20 32.28 6.35
CA ASN C 138 10.55 31.56 5.28
C ASN C 138 9.56 32.44 4.53
N PHE C 139 9.07 33.48 5.21
CA PHE C 139 8.29 34.49 4.51
C PHE C 139 9.20 35.19 3.52
N ASN C 140 10.26 35.81 4.03
CA ASN C 140 11.19 36.48 3.14
C ASN C 140 11.76 35.50 2.14
N GLY C 141 11.89 34.23 2.53
CA GLY C 141 12.31 33.18 1.62
C GLY C 141 11.34 32.97 0.45
N GLY C 142 10.04 33.08 0.73
CA GLY C 142 9.04 32.91 -0.32
C GLY C 142 8.82 34.13 -1.20
N TYR C 143 8.93 35.31 -0.59
CA TYR C 143 8.88 36.56 -1.33
C TYR C 143 9.93 36.57 -2.43
N LEU C 144 11.19 36.40 -2.05
CA LEU C 144 12.29 36.39 -3.02
C LEU C 144 12.09 35.32 -4.08
N GLU C 145 11.48 34.19 -3.70
CA GLU C 145 11.21 33.09 -4.64
C GLU C 145 10.23 33.47 -5.73
N ALA C 146 9.09 34.03 -5.33
CA ALA C 146 8.04 34.41 -6.28
C ALA C 146 8.40 35.62 -7.14
N LYS C 147 9.15 36.55 -6.55
CA LYS C 147 9.60 37.76 -7.24
C LYS C 147 10.43 37.41 -8.45
N ASN C 148 11.25 36.37 -8.36
CA ASN C 148 12.06 35.98 -9.49
C ASN C 148 11.20 35.28 -10.54
N LEU C 149 10.35 34.36 -10.07
CA LEU C 149 9.33 33.73 -10.93
C LEU C 149 8.53 34.78 -11.69
N ALA C 150 8.05 35.78 -10.94
CA ALA C 150 7.29 36.89 -11.51
C ALA C 150 8.05 37.67 -12.60
N GLU C 151 9.36 37.82 -12.47
CA GLU C 151 10.11 38.53 -13.52
C GLU C 151 10.40 37.57 -14.67
N ALA C 152 10.46 36.29 -14.33
CA ALA C 152 10.81 35.28 -15.32
C ALA C 152 9.76 35.15 -16.40
N ILE C 153 8.49 35.20 -15.98
CA ILE C 153 7.37 34.83 -16.82
C ILE C 153 6.77 36.02 -17.58
N GLY C 154 7.47 37.14 -17.52
CA GLY C 154 7.10 38.31 -18.28
C GLY C 154 6.38 39.34 -17.46
N LYS C 155 6.45 39.19 -16.13
CA LYS C 155 5.72 40.02 -15.16
C LYS C 155 4.20 39.96 -15.37
N LYS C 156 3.77 38.95 -16.12
CA LYS C 156 2.42 38.85 -16.63
C LYS C 156 2.04 37.38 -16.79
N GLY C 157 0.82 37.02 -16.37
CA GLY C 157 0.31 35.68 -16.58
C GLY C 157 -0.55 35.16 -15.45
N ASN C 158 -1.04 33.93 -15.60
CA ASN C 158 -1.74 33.25 -14.51
C ASN C 158 -0.77 32.31 -13.80
N VAL C 159 -0.88 32.19 -12.47
CA VAL C 159 0.09 31.47 -11.66
C VAL C 159 -0.58 30.52 -10.69
N ALA C 160 0.06 29.39 -10.41
CA ALA C 160 -0.48 28.45 -9.43
C ALA C 160 0.48 28.26 -8.27
N ILE C 161 -0.08 28.01 -7.08
CA ILE C 161 0.70 27.76 -5.86
C ILE C 161 0.51 26.36 -5.32
N LEU C 162 1.60 25.61 -5.23
CA LEU C 162 1.58 24.33 -4.53
C LEU C 162 2.00 24.54 -3.06
N GLU C 163 1.24 23.99 -2.14
CA GLU C 163 1.23 24.53 -0.81
C GLU C 163 1.92 23.79 0.30
N GLY C 164 2.16 22.50 0.15
CA GLY C 164 2.68 21.78 1.30
C GLY C 164 1.61 21.66 2.38
N ILE C 165 1.91 21.00 3.49
CA ILE C 165 0.85 20.62 4.44
C ILE C 165 0.23 21.90 5.02
N PRO C 166 -1.12 21.96 5.03
CA PRO C 166 -1.85 23.19 5.38
C PRO C 166 -1.79 23.51 6.87
N GLY C 167 -1.70 24.79 7.22
CA GLY C 167 -1.59 25.17 8.61
C GLY C 167 -0.18 25.07 9.18
N VAL C 168 0.69 24.32 8.51
CA VAL C 168 2.11 24.24 8.91
C VAL C 168 2.83 25.52 8.52
N ASP C 169 3.36 26.23 9.51
CA ASP C 169 3.81 27.61 9.33
C ASP C 169 4.89 27.83 8.29
N ASN C 170 5.79 26.89 8.07
CA ASN C 170 6.80 27.13 7.05
C ASN C 170 6.18 27.19 5.66
N GLY C 171 5.18 26.36 5.42
CA GLY C 171 4.49 26.40 4.14
C GLY C 171 3.61 27.63 3.95
N GLU C 172 3.05 28.15 5.04
CA GLU C 172 2.16 29.31 4.97
C GLU C 172 2.98 30.60 4.88
N GLN C 173 3.93 30.82 5.82
CA GLN C 173 5.05 31.77 5.63
C GLN C 173 5.47 31.96 4.16
N ARG C 174 5.75 30.86 3.48
CA ARG C 174 6.17 30.93 2.07
C ARG C 174 5.06 31.32 1.06
N LYS C 175 3.88 30.71 1.17
CA LYS C 175 2.72 31.13 0.38
C LYS C 175 2.36 32.59 0.58
N GLY C 176 2.47 33.08 1.82
CA GLY C 176 2.17 34.46 2.14
C GLY C 176 3.22 35.38 1.58
N GLY C 177 4.46 34.91 1.60
CA GLY C 177 5.56 35.63 0.98
C GLY C 177 5.26 35.75 -0.49
N ALA C 178 4.86 34.62 -1.10
CA ALA C 178 4.46 34.63 -2.50
C ALA C 178 3.38 35.68 -2.78
N LEU C 179 2.24 35.61 -2.08
CA LEU C 179 1.15 36.57 -2.22
C LEU C 179 1.62 38.02 -2.05
N LYS C 180 2.54 38.27 -1.12
CA LYS C 180 3.07 39.63 -1.00
C LYS C 180 3.75 40.02 -2.31
N ALA C 181 4.55 39.09 -2.85
CA ALA C 181 5.35 39.31 -4.06
C ALA C 181 4.54 39.50 -5.36
N PHE C 182 3.45 38.74 -5.51
CA PHE C 182 2.66 38.77 -6.72
C PHE C 182 1.72 39.98 -6.75
N ALA C 183 1.39 40.47 -5.55
CA ALA C 183 0.54 41.64 -5.36
C ALA C 183 1.23 42.92 -5.85
N GLU C 184 2.55 42.84 -5.99
CA GLU C 184 3.33 43.90 -6.62
C GLU C 184 3.08 43.93 -8.13
N TYR C 185 2.52 42.84 -8.66
CA TYR C 185 2.28 42.70 -10.09
C TYR C 185 0.79 42.53 -10.40
N PRO C 186 0.12 43.63 -10.81
CA PRO C 186 -1.31 43.63 -11.10
C PRO C 186 -1.67 42.84 -12.37
N ASP C 187 -0.70 42.61 -13.26
CA ASP C 187 -0.89 41.76 -14.45
C ASP C 187 -0.63 40.26 -14.22
N ILE C 188 -0.07 39.92 -13.06
CA ILE C 188 0.01 38.53 -12.68
C ILE C 188 -1.19 38.24 -11.81
N LYS C 189 -1.91 37.20 -12.19
CA LYS C 189 -3.09 36.79 -11.47
C LYS C 189 -2.87 35.37 -10.91
N ILE C 190 -3.38 35.13 -9.72
CA ILE C 190 -3.32 33.82 -9.09
C ILE C 190 -4.64 33.08 -9.33
N VAL C 191 -4.57 31.90 -9.93
CA VAL C 191 -5.75 31.22 -10.45
C VAL C 191 -6.06 29.89 -9.76
N ALA C 192 -5.03 29.26 -9.21
CA ALA C 192 -5.20 28.04 -8.42
C ALA C 192 -4.17 28.04 -7.32
N SER C 193 -4.52 27.35 -6.23
CA SER C 193 -3.62 27.16 -5.08
C SER C 193 -4.09 25.99 -4.21
N GLN C 194 -3.26 24.97 -4.17
CA GLN C 194 -3.68 23.66 -3.72
C GLN C 194 -2.51 23.03 -2.97
N SER C 195 -2.78 22.37 -1.85
CA SER C 195 -1.72 21.69 -1.11
C SER C 195 -1.27 20.39 -1.80
N ALA C 196 0.00 20.04 -1.64
CA ALA C 196 0.49 18.75 -2.13
C ALA C 196 1.36 18.08 -1.06
N ASN C 197 1.15 18.51 0.18
CA ASN C 197 1.67 17.86 1.38
C ASN C 197 3.17 17.60 1.39
N TRP C 198 3.91 18.44 0.64
CA TRP C 198 5.38 18.50 0.57
C TRP C 198 5.95 17.43 -0.36
N GLU C 199 5.11 16.83 -1.20
CA GLU C 199 5.53 15.61 -1.92
C GLU C 199 5.37 15.58 -3.45
N THR C 200 6.42 15.10 -4.13
CA THR C 200 6.51 14.95 -5.59
C THR C 200 5.34 14.16 -6.20
N GLU C 201 5.03 13.01 -5.61
CA GLU C 201 3.93 12.15 -6.03
C GLU C 201 2.59 12.90 -6.16
N GLN C 202 2.22 13.64 -5.12
CA GLN C 202 0.98 14.39 -5.12
C GLN C 202 1.06 15.62 -6.01
N ALA C 203 2.26 16.17 -6.14
CA ALA C 203 2.45 17.41 -6.90
C ALA C 203 2.20 17.15 -8.36
N LEU C 204 2.81 16.07 -8.87
CA LEU C 204 2.48 15.51 -10.16
C LEU C 204 0.97 15.40 -10.37
N ASN C 205 0.29 14.75 -9.44
CA ASN C 205 -1.17 14.62 -9.51
C ASN C 205 -1.86 15.98 -9.44
N VAL C 206 -1.56 16.79 -8.42
CA VAL C 206 -2.21 18.09 -8.29
C VAL C 206 -1.87 19.02 -9.46
N THR C 207 -0.60 19.07 -9.86
CA THR C 207 -0.22 19.93 -10.97
C THR C 207 -0.98 19.57 -12.25
N THR C 208 -1.12 18.28 -12.48
CA THR C 208 -1.84 17.80 -13.65
C THR C 208 -3.26 18.29 -13.56
N ASN C 209 -3.86 18.01 -12.41
CA ASN C 209 -5.20 18.48 -12.10
C ASN C 209 -5.29 19.97 -12.41
N ILE C 210 -4.43 20.75 -11.77
CA ILE C 210 -4.44 22.20 -11.95
C ILE C 210 -4.27 22.56 -13.43
N LEU C 211 -3.45 21.81 -14.15
CA LEU C 211 -3.18 22.14 -15.54
C LEU C 211 -4.34 21.78 -16.48
N THR C 212 -5.17 20.81 -16.11
CA THR C 212 -6.35 20.48 -16.93
C THR C 212 -7.41 21.55 -16.74
N ALA C 213 -7.36 22.21 -15.59
CA ALA C 213 -8.43 23.13 -15.21
C ALA C 213 -8.21 24.55 -15.73
N ASN C 214 -6.95 24.90 -15.93
CA ASN C 214 -6.58 26.22 -16.41
C ASN C 214 -5.66 26.08 -17.60
N PRO C 215 -6.13 26.53 -18.79
CA PRO C 215 -5.44 26.25 -20.05
C PRO C 215 -4.37 27.28 -20.40
N ASN C 216 -4.24 28.29 -19.54
CA ASN C 216 -3.29 29.36 -19.77
C ASN C 216 -2.54 29.74 -18.50
N ILE C 217 -1.88 28.76 -17.89
CA ILE C 217 -0.95 29.02 -16.80
C ILE C 217 0.43 29.35 -17.36
N ASN C 218 1.06 30.37 -16.79
CA ASN C 218 2.40 30.82 -17.18
C ASN C 218 3.44 30.16 -16.32
N GLY C 219 3.17 30.12 -15.02
CA GLY C 219 4.12 29.63 -14.03
C GLY C 219 3.51 29.01 -12.79
N ILE C 220 4.31 28.20 -12.10
CA ILE C 220 3.91 27.54 -10.86
C ILE C 220 4.87 27.88 -9.72
N PHE C 221 4.33 28.37 -8.61
CA PHE C 221 5.08 28.56 -7.37
C PHE C 221 4.92 27.33 -6.49
N ALA C 222 6.04 26.68 -6.18
CA ALA C 222 6.00 25.49 -5.32
C ALA C 222 6.64 25.74 -3.93
N ALA C 223 5.91 25.44 -2.86
CA ALA C 223 6.42 25.68 -1.50
C ALA C 223 7.64 24.84 -1.14
N ASN C 224 7.86 23.76 -1.87
CA ASN C 224 8.88 22.79 -1.50
C ASN C 224 9.60 22.31 -2.75
N ASP C 225 10.86 21.90 -2.62
CA ASP C 225 11.58 21.38 -3.78
C ASP C 225 10.99 20.08 -4.33
N ASN C 226 10.66 19.15 -3.44
CA ASN C 226 10.09 17.87 -3.88
C ASN C 226 8.86 18.09 -4.74
N MET C 227 8.01 19.02 -4.33
CA MET C 227 6.80 19.33 -5.11
C MET C 227 7.11 19.97 -6.47
N ALA C 228 8.13 20.82 -6.54
CA ALA C 228 8.53 21.41 -7.81
C ALA C 228 8.89 20.33 -8.85
N ILE C 229 9.61 19.32 -8.37
CA ILE C 229 9.92 18.16 -9.21
C ILE C 229 8.62 17.59 -9.77
N GLY C 230 7.59 17.52 -8.91
CA GLY C 230 6.28 17.05 -9.32
C GLY C 230 5.75 17.90 -10.46
N ALA C 231 5.80 19.22 -10.28
CA ALA C 231 5.30 20.20 -11.23
C ALA C 231 6.00 20.09 -12.56
N VAL C 232 7.33 20.11 -12.51
CA VAL C 232 8.13 19.99 -13.73
C VAL C 232 7.80 18.71 -14.50
N THR C 233 7.69 17.59 -13.80
CA THR C 233 7.27 16.34 -14.42
C THR C 233 5.85 16.45 -15.03
N ALA C 234 4.95 17.14 -14.34
CA ALA C 234 3.59 17.33 -14.84
C ALA C 234 3.52 18.26 -16.07
N VAL C 235 4.16 19.42 -15.97
CA VAL C 235 4.24 20.36 -17.09
C VAL C 235 4.86 19.68 -18.30
N GLU C 236 5.86 18.83 -18.05
CA GLU C 236 6.55 18.15 -19.13
C GLU C 236 5.76 16.97 -19.67
N ASN C 237 4.93 16.34 -18.83
CA ASN C 237 4.01 15.31 -19.34
C ASN C 237 2.94 15.88 -20.28
N ALA C 238 2.61 17.16 -20.09
CA ALA C 238 1.54 17.81 -20.84
C ALA C 238 2.06 18.51 -22.10
N GLY C 239 3.36 18.42 -22.32
CA GLY C 239 4.00 19.06 -23.46
C GLY C 239 4.01 20.57 -23.40
N LEU C 240 4.14 21.12 -22.18
CA LEU C 240 4.17 22.57 -21.98
C LEU C 240 5.53 23.08 -21.50
N ALA C 241 6.54 22.22 -21.56
CA ALA C 241 7.89 22.61 -21.15
C ALA C 241 8.34 23.83 -21.95
N GLY C 242 8.84 24.85 -21.26
CA GLY C 242 9.19 26.12 -21.89
C GLY C 242 8.06 27.11 -21.81
N LYS C 243 6.83 26.59 -21.76
CA LYS C 243 5.60 27.39 -21.72
C LYS C 243 5.13 27.65 -20.29
N VAL C 244 5.58 26.82 -19.36
CA VAL C 244 5.28 27.00 -17.94
C VAL C 244 6.59 26.98 -17.16
N LEU C 245 6.79 27.98 -16.31
CA LEU C 245 8.01 28.08 -15.47
C LEU C 245 7.70 27.75 -14.02
N VAL C 246 8.60 27.03 -13.37
CA VAL C 246 8.35 26.54 -12.03
C VAL C 246 9.44 26.97 -11.07
N SER C 247 9.06 27.45 -9.87
CA SER C 247 10.04 27.76 -8.82
C SER C 247 9.85 26.89 -7.59
N GLY C 248 10.96 26.57 -6.95
CA GLY C 248 10.95 25.69 -5.80
C GLY C 248 11.64 26.30 -4.60
N TYR C 249 11.89 25.46 -3.59
CA TYR C 249 12.35 25.93 -2.30
C TYR C 249 12.98 24.75 -1.54
N ASP C 250 14.22 24.98 -1.09
CA ASP C 250 15.09 24.18 -0.19
C ASP C 250 16.50 24.15 -0.78
N GLY C 251 16.60 23.86 -2.08
CA GLY C 251 17.87 23.86 -2.78
C GLY C 251 18.50 22.49 -2.92
N ILE C 252 17.68 21.45 -2.82
CA ILE C 252 18.19 20.06 -2.91
C ILE C 252 18.87 19.87 -4.27
N PRO C 253 19.79 18.90 -4.35
CA PRO C 253 20.63 18.80 -5.55
C PRO C 253 19.91 18.58 -6.88
N LEU C 254 18.72 17.97 -6.89
CA LEU C 254 18.04 17.72 -8.17
C LEU C 254 17.32 18.97 -8.65
N ALA C 255 16.87 19.79 -7.71
CA ALA C 255 16.31 21.09 -8.05
C ALA C 255 17.38 22.05 -8.59
N ILE C 256 18.57 22.02 -7.98
CA ILE C 256 19.72 22.77 -8.49
C ILE C 256 20.05 22.40 -9.94
N GLU C 257 20.15 21.10 -10.21
CA GLU C 257 20.37 20.62 -11.57
C GLU C 257 19.32 21.17 -12.58
N TYR C 258 18.04 21.00 -12.29
CA TYR C 258 16.96 21.46 -13.18
C TYR C 258 17.13 22.93 -13.55
N VAL C 259 17.60 23.71 -12.59
CA VAL C 259 17.76 25.12 -12.84
C VAL C 259 18.87 25.32 -13.83
N LYS C 260 19.87 24.44 -13.80
CA LYS C 260 20.92 24.49 -14.81
C LYS C 260 20.34 24.06 -16.14
N GLN C 261 19.63 22.93 -16.14
CA GLN C 261 19.09 22.36 -17.37
C GLN C 261 17.84 23.08 -17.83
N GLY C 262 17.45 24.14 -17.11
CA GLY C 262 16.33 24.98 -17.50
C GLY C 262 14.94 24.42 -17.24
N LYS C 263 14.87 23.20 -16.72
CA LYS C 263 13.58 22.55 -16.42
C LYS C 263 12.90 23.21 -15.21
N MET C 264 13.64 24.02 -14.48
CA MET C 264 13.08 24.79 -13.36
C MET C 264 13.63 26.24 -13.35
N GLN C 265 12.76 27.21 -13.07
CA GLN C 265 13.17 28.60 -13.16
C GLN C 265 14.16 29.01 -12.08
N ASN C 266 13.80 28.77 -10.82
CA ASN C 266 14.66 29.05 -9.69
C ASN C 266 14.40 28.10 -8.54
N THR C 267 15.16 28.27 -7.47
CA THR C 267 14.88 27.62 -6.19
C THR C 267 15.60 28.42 -5.14
N ILE C 268 15.17 28.29 -3.88
CA ILE C 268 15.75 29.03 -2.76
C ILE C 268 16.59 28.11 -1.91
N ASP C 269 17.88 28.40 -1.78
CA ASP C 269 18.74 27.53 -1.00
C ASP C 269 18.74 28.00 0.44
N GLN C 270 18.09 27.20 1.29
CA GLN C 270 18.01 27.45 2.74
C GLN C 270 19.34 27.19 3.41
N LEU C 271 20.25 26.56 2.67
CA LEU C 271 21.54 26.15 3.19
C LEU C 271 21.39 25.24 4.41
N PRO C 272 20.88 24.03 4.20
CA PRO C 272 20.63 23.10 5.33
C PRO C 272 21.89 22.68 6.10
N LYS C 273 23.01 22.54 5.40
CA LYS C 273 24.28 22.13 6.02
C LYS C 273 24.83 23.22 6.93
N LYS C 274 24.54 24.47 6.60
CA LYS C 274 24.96 25.60 7.42
C LYS C 274 24.03 25.76 8.62
N GLN C 275 22.73 25.54 8.40
CA GLN C 275 21.76 25.55 9.49
C GLN C 275 22.13 24.58 10.64
N VAL C 276 22.70 23.42 10.34
CA VAL C 276 23.14 22.53 11.40
C VAL C 276 24.49 22.95 11.95
N ALA C 277 25.36 23.50 11.11
CA ALA C 277 26.61 24.05 11.62
C ALA C 277 26.28 25.08 12.72
N ILE C 278 25.44 26.05 12.40
CA ILE C 278 25.04 27.06 13.35
C ILE C 278 24.38 26.45 14.60
N ALA C 279 23.43 25.55 14.37
CA ALA C 279 22.79 24.80 15.43
C ALA C 279 23.81 24.14 16.38
N ILE C 280 24.67 23.32 15.81
CA ILE C 280 25.67 22.60 16.58
C ILE C 280 26.60 23.57 17.31
N GLU C 281 26.87 24.73 16.71
CA GLU C 281 27.76 25.73 17.30
C GLU C 281 27.09 26.44 18.45
N HIS C 282 25.78 26.43 18.38
CA HIS C 282 24.91 27.06 19.34
C HIS C 282 24.63 26.17 20.52
N ALA C 283 24.51 24.85 20.26
CA ALA C 283 24.53 23.87 21.33
C ALA C 283 25.82 23.97 22.12
N LEU C 284 26.96 23.90 21.43
CA LEU C 284 28.25 23.92 22.09
C LEU C 284 28.44 25.19 22.91
N LYS C 285 27.97 26.30 22.37
CA LYS C 285 28.06 27.57 23.07
C LYS C 285 27.23 27.61 24.33
N GLN C 286 26.19 26.77 24.45
CA GLN C 286 25.38 26.72 25.69
C GLN C 286 25.94 25.72 26.71
N ILE C 287 26.53 24.64 26.22
CA ILE C 287 27.31 23.71 27.05
C ILE C 287 28.43 24.48 27.72
N ASN C 288 28.84 25.56 27.05
CA ASN C 288 29.94 26.39 27.52
C ASN C 288 29.47 27.58 28.33
N LYS C 289 28.19 27.56 28.75
CA LYS C 289 27.61 28.61 29.59
C LYS C 289 27.70 29.97 28.92
N GLN C 290 27.67 29.98 27.60
CA GLN C 290 27.78 31.19 26.80
C GLN C 290 26.44 31.47 26.11
N GLU C 291 26.06 32.74 26.05
CA GLU C 291 24.73 33.06 25.56
C GLU C 291 24.68 33.01 24.04
N ILE C 292 23.48 32.76 23.52
CA ILE C 292 23.22 32.64 22.09
C ILE C 292 21.92 33.40 21.82
N PRO C 293 21.68 33.77 20.54
CA PRO C 293 20.43 34.45 20.15
C PRO C 293 19.20 33.53 20.24
N SER C 294 17.98 34.08 20.33
CA SER C 294 16.77 33.26 20.49
C SER C 294 16.24 32.89 19.12
N VAL C 295 16.62 33.67 18.12
CA VAL C 295 16.16 33.46 16.76
C VAL C 295 17.32 33.70 15.77
N TYR C 296 17.72 32.65 15.06
CA TYR C 296 18.72 32.75 14.01
C TYR C 296 18.12 32.43 12.63
N TYR C 297 18.37 33.35 11.70
CA TYR C 297 17.94 33.21 10.33
C TYR C 297 19.16 33.24 9.43
N VAL C 298 19.46 32.11 8.79
CA VAL C 298 20.51 32.12 7.80
C VAL C 298 20.00 32.97 6.63
N ASP C 299 20.90 33.58 5.88
CA ASP C 299 20.50 34.32 4.69
C ASP C 299 20.42 33.38 3.48
N PRO C 300 19.28 33.39 2.77
CA PRO C 300 19.10 32.43 1.68
C PRO C 300 19.78 32.88 0.41
N VAL C 301 20.08 31.93 -0.48
CA VAL C 301 20.53 32.23 -1.83
C VAL C 301 19.40 31.90 -2.78
N VAL C 302 19.14 32.82 -3.71
CA VAL C 302 18.18 32.64 -4.80
C VAL C 302 18.94 32.10 -6.00
N VAL C 303 18.59 30.90 -6.47
CA VAL C 303 19.35 30.22 -7.51
C VAL C 303 18.61 30.20 -8.88
N ASP C 304 18.76 31.25 -9.67
CA ASP C 304 18.26 31.24 -11.05
C ASP C 304 19.34 30.55 -11.87
N LYS C 305 19.17 30.44 -13.18
CA LYS C 305 20.21 29.78 -13.97
C LYS C 305 21.56 30.48 -13.81
N GLU C 306 21.55 31.80 -13.92
CA GLU C 306 22.77 32.60 -13.86
C GLU C 306 23.51 32.40 -12.54
N GLN C 307 22.76 32.19 -11.48
CA GLN C 307 23.35 31.92 -10.17
C GLN C 307 23.90 30.50 -10.05
N SER C 308 23.34 29.55 -10.80
CA SER C 308 23.76 28.15 -10.73
C SER C 308 25.08 27.93 -11.45
N LYS C 309 25.66 29.02 -11.95
CA LYS C 309 27.00 29.02 -12.51
C LYS C 309 28.05 28.97 -11.40
N ASN C 310 27.58 28.77 -10.16
CA ASN C 310 28.42 28.66 -8.99
C ASN C 310 28.12 27.40 -8.20
N TYR C 311 27.27 26.56 -8.78
CA TYR C 311 26.87 25.31 -8.15
C TYR C 311 27.31 24.09 -8.97
N LYS D 26 -11.02 -25.77 34.39
CA LYS D 26 -11.54 -26.50 33.24
C LYS D 26 -10.59 -26.41 32.02
N PRO D 27 -10.58 -27.45 31.16
CA PRO D 27 -9.65 -27.63 30.03
C PRO D 27 -9.44 -26.41 29.10
N GLN D 28 -8.21 -25.90 29.08
CA GLN D 28 -7.79 -24.79 28.21
C GLN D 28 -7.30 -25.40 26.91
N ILE D 29 -7.94 -25.07 25.79
CA ILE D 29 -7.60 -25.66 24.50
C ILE D 29 -7.31 -24.58 23.46
N ALA D 30 -6.15 -24.67 22.81
CA ALA D 30 -5.71 -23.62 21.90
C ALA D 30 -6.08 -23.88 20.42
N LEU D 31 -6.62 -22.85 19.77
CA LEU D 31 -6.99 -22.91 18.36
C LEU D 31 -6.22 -21.87 17.57
N LEU D 32 -5.23 -22.33 16.83
CA LEU D 32 -4.36 -21.41 16.11
C LEU D 32 -4.62 -21.52 14.63
N MET D 33 -5.16 -20.46 14.06
CA MET D 33 -5.58 -20.48 12.67
C MET D 33 -4.64 -19.60 11.88
N LYS D 34 -4.63 -19.77 10.56
CA LYS D 34 -3.50 -19.27 9.80
C LYS D 34 -3.81 -17.89 9.27
N THR D 35 -5.08 -17.64 9.01
CA THR D 35 -5.50 -16.31 8.60
C THR D 35 -6.85 -15.98 9.16
N LEU D 36 -7.33 -14.79 8.82
CA LEU D 36 -8.52 -14.26 9.46
C LEU D 36 -9.46 -13.65 8.44
N SER D 37 -8.86 -12.98 7.45
CA SER D 37 -9.61 -12.37 6.38
C SER D 37 -10.43 -13.39 5.55
N ASN D 38 -9.98 -14.65 5.55
CA ASN D 38 -10.73 -15.75 4.89
C ASN D 38 -12.03 -16.08 5.62
N GLU D 39 -13.14 -16.05 4.89
CA GLU D 39 -14.45 -16.34 5.46
C GLU D 39 -14.60 -17.78 5.94
N TYR D 40 -13.79 -18.67 5.36
CA TYR D 40 -13.80 -20.09 5.74
C TYR D 40 -13.35 -20.32 7.19
N PHE D 41 -12.29 -19.63 7.60
CA PHE D 41 -11.74 -19.81 8.94
C PHE D 41 -12.52 -19.03 9.98
N ILE D 42 -13.12 -17.91 9.56
CA ILE D 42 -14.12 -17.20 10.36
C ILE D 42 -15.27 -18.14 10.72
N SER D 43 -15.73 -18.89 9.71
CA SER D 43 -16.78 -19.88 9.83
C SER D 43 -16.36 -20.99 10.78
N MET D 44 -15.12 -21.42 10.66
CA MET D 44 -14.58 -22.48 11.50
C MET D 44 -14.44 -22.04 12.95
N ARG D 45 -14.06 -20.78 13.14
CA ARG D 45 -13.88 -20.26 14.49
C ARG D 45 -15.24 -20.08 15.18
N GLN D 46 -16.26 -19.68 14.42
CA GLN D 46 -17.58 -19.50 14.99
C GLN D 46 -18.08 -20.82 15.60
N GLY D 47 -18.02 -21.89 14.82
CA GLY D 47 -18.42 -23.21 15.28
C GLY D 47 -17.57 -23.71 16.43
N ALA D 48 -16.29 -23.37 16.40
CA ALA D 48 -15.37 -23.80 17.44
C ALA D 48 -15.75 -23.16 18.76
N GLU D 49 -16.15 -21.89 18.70
CA GLU D 49 -16.67 -21.19 19.87
C GLU D 49 -17.92 -21.91 20.43
N GLU D 50 -18.66 -22.57 19.54
CA GLU D 50 -19.93 -23.21 19.87
C GLU D 50 -19.76 -24.61 20.46
N THR D 51 -18.83 -25.38 19.90
CA THR D 51 -18.42 -26.66 20.47
C THR D 51 -17.78 -26.46 21.86
N ALA D 52 -16.98 -25.40 21.99
CA ALA D 52 -16.32 -25.10 23.24
C ALA D 52 -17.36 -24.80 24.33
N LYS D 53 -18.37 -24.00 24.00
CA LYS D 53 -19.44 -23.72 24.95
C LYS D 53 -20.35 -24.94 25.17
N GLN D 54 -20.27 -25.94 24.30
CA GLN D 54 -20.99 -27.20 24.50
C GLN D 54 -20.31 -28.12 25.52
N LYS D 55 -18.98 -28.03 25.63
CA LYS D 55 -18.20 -29.05 26.33
C LYS D 55 -17.48 -28.55 27.57
N ASP D 56 -17.70 -27.30 27.94
CA ASP D 56 -17.04 -26.65 29.08
C ASP D 56 -15.54 -26.55 28.83
N ILE D 57 -15.23 -26.00 27.66
CA ILE D 57 -13.88 -25.83 27.21
C ILE D 57 -13.54 -24.35 27.21
N ASP D 58 -12.34 -23.99 27.67
CA ASP D 58 -11.85 -22.64 27.49
C ASP D 58 -11.10 -22.58 26.16
N LEU D 59 -11.70 -21.96 25.15
CA LEU D 59 -11.07 -21.89 23.82
C LEU D 59 -10.22 -20.62 23.64
N ILE D 60 -8.91 -20.81 23.49
CA ILE D 60 -7.96 -19.73 23.33
C ILE D 60 -7.71 -19.58 21.83
N VAL D 61 -8.26 -18.54 21.23
CA VAL D 61 -8.13 -18.36 19.78
C VAL D 61 -7.06 -17.34 19.46
N GLN D 62 -6.11 -17.73 18.62
CA GLN D 62 -5.08 -16.82 18.15
C GLN D 62 -4.92 -17.01 16.65
N VAL D 63 -4.70 -15.91 15.95
CA VAL D 63 -4.67 -15.86 14.49
C VAL D 63 -3.36 -15.28 13.96
N ALA D 64 -2.99 -15.62 12.74
CA ALA D 64 -1.70 -15.21 12.18
C ALA D 64 -1.85 -14.22 11.01
N THR D 70 4.18 -17.97 8.45
CA THR D 70 4.65 -19.30 8.90
C THR D 70 5.52 -19.23 10.17
N GLU D 71 6.63 -18.50 10.09
CA GLU D 71 7.44 -18.22 11.28
C GLU D 71 6.55 -17.86 12.44
N GLN D 72 5.67 -16.90 12.19
CA GLN D 72 4.66 -16.45 13.15
C GLN D 72 3.79 -17.59 13.69
N LEU D 73 3.26 -18.43 12.79
CA LEU D 73 2.30 -19.43 13.23
C LEU D 73 3.01 -20.54 14.01
N VAL D 74 4.24 -20.86 13.62
CA VAL D 74 5.02 -21.85 14.36
C VAL D 74 5.31 -21.28 15.73
N GLY D 75 5.52 -19.98 15.78
CA GLY D 75 5.71 -19.30 17.05
C GLY D 75 4.56 -19.48 18.04
N LEU D 76 3.34 -19.16 17.61
CA LEU D 76 2.16 -19.25 18.51
C LEU D 76 1.95 -20.66 19.07
N VAL D 77 2.19 -21.67 18.24
CA VAL D 77 2.20 -23.06 18.72
C VAL D 77 3.15 -23.22 19.91
N GLU D 78 4.38 -22.74 19.73
CA GLU D 78 5.40 -22.79 20.76
C GLU D 78 5.00 -21.99 22.02
N ASN D 79 4.34 -20.84 21.82
CA ASN D 79 3.83 -20.08 22.96
C ASN D 79 2.82 -20.90 23.74
N MET D 80 1.86 -21.50 23.06
CA MET D 80 0.85 -22.32 23.72
C MET D 80 1.41 -23.53 24.46
N ILE D 81 2.68 -23.85 24.23
CA ILE D 81 3.32 -24.98 24.89
C ILE D 81 4.08 -24.49 26.12
N ALA D 82 4.57 -23.27 26.07
CA ALA D 82 5.15 -22.61 27.24
C ALA D 82 4.05 -22.47 28.28
N LYS D 83 2.95 -21.88 27.86
CA LYS D 83 1.79 -21.64 28.69
C LYS D 83 1.26 -22.95 29.29
N LYS D 84 1.68 -24.08 28.71
CA LYS D 84 1.21 -25.40 29.16
C LYS D 84 -0.31 -25.50 29.18
N VAL D 85 -0.94 -25.35 28.02
CA VAL D 85 -2.37 -25.60 27.87
C VAL D 85 -2.65 -27.09 28.10
N ASP D 86 -3.80 -27.56 27.64
CA ASP D 86 -4.09 -28.99 27.69
C ASP D 86 -4.10 -29.64 26.31
N ALA D 87 -4.45 -28.85 25.32
CA ALA D 87 -4.42 -29.31 23.96
C ALA D 87 -4.22 -28.14 23.01
N ILE D 88 -3.62 -28.43 21.86
CA ILE D 88 -3.42 -27.46 20.80
C ILE D 88 -4.01 -27.94 19.49
N ILE D 89 -4.85 -27.09 18.90
CA ILE D 89 -5.36 -27.27 17.55
C ILE D 89 -4.76 -26.21 16.67
N VAL D 90 -4.12 -26.61 15.58
CA VAL D 90 -3.53 -25.66 14.68
C VAL D 90 -3.96 -25.99 13.26
N THR D 91 -4.27 -24.95 12.48
CA THR D 91 -4.32 -25.06 11.04
C THR D 91 -2.98 -24.54 10.49
N PRO D 92 -2.03 -25.46 10.29
CA PRO D 92 -0.69 -25.10 9.82
C PRO D 92 -0.66 -24.42 8.44
N ASN D 93 0.26 -23.47 8.26
CA ASN D 93 0.51 -22.88 6.94
C ASN D 93 1.80 -23.37 6.26
N ASP D 94 2.22 -24.59 6.56
CA ASP D 94 3.38 -25.22 5.95
C ASP D 94 3.44 -26.70 6.36
N SER D 95 3.69 -27.60 5.41
CA SER D 95 3.67 -29.05 5.69
C SER D 95 4.89 -29.60 6.47
N ILE D 96 6.01 -28.88 6.45
CA ILE D 96 7.28 -29.37 7.01
C ILE D 96 7.81 -28.51 8.17
N ALA D 97 7.61 -27.20 8.08
CA ALA D 97 8.02 -26.26 9.13
C ALA D 97 7.57 -26.66 10.53
N PHE D 98 6.38 -27.23 10.63
CA PHE D 98 5.72 -27.42 11.92
C PHE D 98 6.08 -28.72 12.64
N ILE D 99 6.87 -29.58 12.00
CA ILE D 99 7.22 -30.87 12.60
C ILE D 99 8.01 -30.69 13.93
N PRO D 100 8.96 -29.75 14.00
CA PRO D 100 9.56 -29.50 15.32
C PRO D 100 8.57 -29.04 16.40
N ALA D 101 7.61 -28.22 16.03
CA ALA D 101 6.61 -27.77 16.99
C ALA D 101 5.80 -28.94 17.54
N PHE D 102 5.36 -29.83 16.65
CA PHE D 102 4.66 -31.05 17.04
C PHE D 102 5.52 -32.02 17.89
N GLN D 103 6.84 -31.96 17.72
CA GLN D 103 7.78 -32.76 18.50
C GLN D 103 8.00 -32.18 19.91
N LYS D 104 8.00 -30.86 20.01
CA LYS D 104 8.14 -30.23 21.31
C LYS D 104 6.85 -30.38 22.14
N ALA D 105 5.73 -30.56 21.46
CA ALA D 105 4.44 -30.75 22.13
C ALA D 105 4.36 -32.12 22.72
N GLU D 106 5.04 -33.06 22.08
CA GLU D 106 5.05 -34.44 22.55
C GLU D 106 5.97 -34.60 23.76
N LYS D 107 7.06 -33.86 23.79
CA LYS D 107 8.00 -33.94 24.91
C LYS D 107 7.46 -33.19 26.11
N ALA D 108 6.49 -32.31 25.86
CA ALA D 108 5.76 -31.59 26.89
C ALA D 108 4.59 -32.38 27.50
N GLY D 109 4.08 -33.39 26.79
CA GLY D 109 2.95 -34.16 27.27
C GLY D 109 1.61 -33.50 26.94
N ILE D 110 1.67 -32.55 26.00
CA ILE D 110 0.50 -31.82 25.49
C ILE D 110 -0.01 -32.42 24.19
N PRO D 111 -1.25 -32.96 24.22
CA PRO D 111 -1.92 -33.44 22.99
C PRO D 111 -2.04 -32.34 21.91
N ILE D 112 -1.71 -32.67 20.66
CA ILE D 112 -1.79 -31.68 19.59
C ILE D 112 -2.46 -32.25 18.34
N ILE D 113 -3.25 -31.42 17.68
CA ILE D 113 -4.08 -31.87 16.57
C ILE D 113 -3.76 -31.09 15.30
N ASP D 114 -3.50 -31.82 14.22
CA ASP D 114 -3.17 -31.24 12.92
C ASP D 114 -4.41 -31.01 12.04
N LEU D 115 -4.81 -29.76 11.86
CA LEU D 115 -6.08 -29.49 11.18
C LEU D 115 -5.95 -28.78 9.84
N ASP D 116 -6.71 -29.27 8.85
CA ASP D 116 -6.87 -28.68 7.53
C ASP D 116 -5.70 -29.03 6.61
N VAL D 117 -4.52 -28.52 6.94
CA VAL D 117 -3.30 -28.79 6.16
C VAL D 117 -2.53 -29.94 6.79
N ARG D 118 -2.41 -31.07 6.08
CA ARG D 118 -1.74 -32.23 6.67
C ARG D 118 -0.22 -32.10 6.57
N LEU D 119 0.47 -32.36 7.69
CA LEU D 119 1.93 -32.37 7.72
C LEU D 119 2.52 -33.32 6.66
N ASP D 120 3.70 -32.98 6.14
CA ASP D 120 4.32 -33.80 5.09
C ASP D 120 4.61 -35.21 5.61
N ALA D 121 4.04 -36.21 4.96
CA ALA D 121 4.08 -37.56 5.49
C ALA D 121 5.47 -38.16 5.42
N LYS D 122 6.21 -37.83 4.37
CA LYS D 122 7.49 -38.49 4.17
C LYS D 122 8.54 -37.81 5.03
N ALA D 123 8.48 -36.48 5.09
CA ALA D 123 9.21 -35.72 6.10
C ALA D 123 8.96 -36.24 7.52
N ALA D 124 7.71 -36.56 7.82
CA ALA D 124 7.29 -36.92 9.17
C ALA D 124 7.74 -38.34 9.56
N GLU D 125 7.68 -39.25 8.59
CA GLU D 125 8.04 -40.63 8.87
C GLU D 125 9.51 -40.68 9.21
N ALA D 126 10.28 -39.92 8.45
CA ALA D 126 11.73 -39.83 8.64
C ALA D 126 12.02 -39.13 9.96
N ALA D 127 11.25 -38.09 10.26
CA ALA D 127 11.36 -37.35 11.52
C ALA D 127 11.03 -38.24 12.71
N GLY D 128 10.21 -39.26 12.44
CA GLY D 128 9.85 -40.28 13.41
C GLY D 128 8.59 -39.91 14.15
N LEU D 129 7.94 -38.85 13.69
CA LEU D 129 6.82 -38.24 14.39
C LEU D 129 5.50 -38.93 14.11
N LYS D 130 4.76 -39.20 15.19
CA LYS D 130 3.36 -39.59 15.10
C LYS D 130 2.51 -38.34 15.37
N PHE D 131 1.55 -38.08 14.48
CA PHE D 131 0.66 -36.94 14.63
C PHE D 131 -0.74 -37.37 14.20
N ASN D 132 -1.76 -36.63 14.60
CA ASN D 132 -3.12 -36.94 14.20
C ASN D 132 -3.75 -35.79 13.37
N TYR D 133 -4.29 -36.14 12.19
CA TYR D 133 -4.86 -35.14 11.26
C TYR D 133 -6.40 -35.22 11.10
N VAL D 134 -7.05 -34.08 10.93
CA VAL D 134 -8.49 -34.02 10.67
C VAL D 134 -8.85 -33.10 9.48
N GLY D 135 -9.43 -33.65 8.41
CA GLY D 135 -9.77 -32.85 7.24
C GLY D 135 -10.74 -33.49 6.25
N VAL D 136 -10.45 -33.32 4.97
CA VAL D 136 -11.21 -33.97 3.90
C VAL D 136 -10.22 -34.49 2.86
N ASP D 137 -10.56 -35.58 2.17
CA ASP D 137 -9.76 -35.99 1.03
C ASP D 137 -9.90 -34.88 0.00
N ASN D 138 -8.91 -33.98 0.01
CA ASN D 138 -8.93 -32.80 -0.84
C ASN D 138 -8.76 -33.14 -2.31
N PHE D 139 -8.16 -34.28 -2.58
CA PHE D 139 -8.10 -34.79 -3.94
C PHE D 139 -9.50 -35.16 -4.38
N ASN D 140 -10.18 -35.93 -3.54
CA ASN D 140 -11.55 -36.32 -3.79
C ASN D 140 -12.53 -35.15 -3.78
N GLY D 141 -12.33 -34.20 -2.86
CA GLY D 141 -13.09 -32.97 -2.84
C GLY D 141 -13.02 -32.25 -4.18
N GLY D 142 -11.82 -32.18 -4.76
CA GLY D 142 -11.60 -31.52 -6.02
C GLY D 142 -12.13 -32.32 -7.21
N TYR D 143 -12.23 -33.63 -7.05
CA TYR D 143 -12.75 -34.47 -8.12
C TYR D 143 -14.25 -34.28 -8.32
N LEU D 144 -15.01 -34.25 -7.23
CA LEU D 144 -16.46 -34.13 -7.34
C LEU D 144 -16.85 -32.74 -7.81
N GLU D 145 -16.14 -31.73 -7.30
CA GLU D 145 -16.32 -30.35 -7.74
C GLU D 145 -16.22 -30.22 -9.25
N ALA D 146 -15.19 -30.84 -9.83
CA ALA D 146 -14.95 -30.78 -11.27
C ALA D 146 -15.98 -31.59 -12.05
N LYS D 147 -16.39 -32.72 -11.48
CA LYS D 147 -17.39 -33.60 -12.09
C LYS D 147 -18.73 -32.88 -12.27
N ASN D 148 -19.08 -32.04 -11.31
CA ASN D 148 -20.34 -31.33 -11.34
C ASN D 148 -20.32 -30.24 -12.40
N LEU D 149 -19.18 -29.57 -12.52
CA LEU D 149 -19.03 -28.50 -13.48
C LEU D 149 -18.94 -29.09 -14.88
N ALA D 150 -18.30 -30.25 -14.99
CA ALA D 150 -18.20 -30.91 -16.29
C ALA D 150 -19.58 -31.23 -16.80
N GLU D 151 -20.48 -31.66 -15.92
CA GLU D 151 -21.84 -32.00 -16.35
C GLU D 151 -22.66 -30.76 -16.63
N ALA D 152 -22.32 -29.64 -15.99
CA ALA D 152 -23.12 -28.42 -16.13
C ALA D 152 -22.89 -27.65 -17.43
N ILE D 153 -21.71 -27.83 -18.04
CA ILE D 153 -21.44 -27.15 -19.29
C ILE D 153 -21.71 -28.05 -20.50
N GLY D 154 -22.39 -29.16 -20.25
CA GLY D 154 -22.83 -30.06 -21.29
C GLY D 154 -21.73 -30.99 -21.74
N LYS D 155 -20.92 -31.43 -20.78
CA LYS D 155 -19.81 -32.40 -20.97
C LYS D 155 -18.89 -32.02 -22.12
N LYS D 156 -18.72 -30.71 -22.29
CA LYS D 156 -18.06 -30.15 -23.46
C LYS D 156 -17.79 -28.66 -23.25
N GLY D 157 -16.56 -28.25 -23.55
CA GLY D 157 -16.20 -26.86 -23.50
C GLY D 157 -14.71 -26.67 -23.31
N ASN D 158 -14.35 -25.45 -22.90
CA ASN D 158 -12.97 -25.11 -22.59
C ASN D 158 -12.86 -24.56 -21.20
N VAL D 159 -12.25 -25.35 -20.32
CA VAL D 159 -12.19 -25.05 -18.91
C VAL D 159 -10.83 -24.49 -18.50
N ALA D 160 -10.87 -23.51 -17.60
CA ALA D 160 -9.67 -22.97 -16.98
C ALA D 160 -9.61 -23.40 -15.50
N ILE D 161 -8.44 -23.22 -14.88
CA ILE D 161 -8.29 -23.54 -13.47
C ILE D 161 -7.59 -22.44 -12.68
N LEU D 162 -8.22 -22.00 -11.59
CA LEU D 162 -7.55 -21.12 -10.68
C LEU D 162 -6.96 -21.89 -9.50
N GLU D 163 -5.64 -21.90 -9.42
CA GLU D 163 -4.92 -22.66 -8.41
C GLU D 163 -4.72 -21.93 -7.09
N GLY D 164 -4.48 -22.69 -6.02
CA GLY D 164 -4.04 -22.12 -4.76
C GLY D 164 -2.59 -21.68 -4.86
N ILE D 165 -1.93 -21.49 -3.73
CA ILE D 165 -0.50 -21.17 -3.77
C ILE D 165 0.25 -22.36 -4.36
N PRO D 166 1.02 -22.11 -5.44
CA PRO D 166 1.77 -23.07 -6.28
C PRO D 166 2.29 -24.37 -5.64
N GLY D 167 2.82 -24.35 -4.41
CA GLY D 167 3.36 -25.57 -3.83
C GLY D 167 2.41 -26.37 -2.96
N VAL D 168 1.47 -25.67 -2.33
CA VAL D 168 0.62 -26.20 -1.26
C VAL D 168 -0.20 -27.44 -1.61
N ASP D 169 -0.16 -28.41 -0.71
CA ASP D 169 -0.76 -29.72 -0.93
C ASP D 169 -2.28 -29.70 -1.18
N ASN D 170 -3.04 -29.02 -0.32
CA ASN D 170 -4.49 -28.96 -0.46
C ASN D 170 -4.92 -28.37 -1.80
N GLY D 171 -4.21 -27.35 -2.25
CA GLY D 171 -4.48 -26.78 -3.55
C GLY D 171 -4.07 -27.75 -4.64
N GLU D 172 -2.94 -28.41 -4.47
CA GLU D 172 -2.43 -29.30 -5.51
C GLU D 172 -3.40 -30.45 -5.69
N GLN D 173 -3.80 -31.05 -4.58
CA GLN D 173 -4.68 -32.21 -4.61
C GLN D 173 -5.99 -31.86 -5.30
N ARG D 174 -6.62 -30.76 -4.87
CA ARG D 174 -7.81 -30.25 -5.53
C ARG D 174 -7.68 -30.15 -7.06
N LYS D 175 -6.52 -29.73 -7.56
CA LYS D 175 -6.30 -29.73 -9.00
C LYS D 175 -6.05 -31.14 -9.51
N GLY D 176 -5.36 -31.94 -8.70
CA GLY D 176 -5.13 -33.33 -9.03
C GLY D 176 -6.48 -33.96 -9.28
N GLY D 177 -7.42 -33.67 -8.39
CA GLY D 177 -8.77 -34.16 -8.50
C GLY D 177 -9.46 -33.63 -9.73
N ALA D 178 -9.28 -32.34 -10.01
CA ALA D 178 -9.99 -31.74 -11.14
C ALA D 178 -9.51 -32.35 -12.46
N LEU D 179 -8.21 -32.54 -12.58
CA LEU D 179 -7.64 -33.06 -13.82
C LEU D 179 -8.12 -34.48 -14.09
N LYS D 180 -8.10 -35.29 -13.05
CA LYS D 180 -8.57 -36.67 -13.18
C LYS D 180 -10.02 -36.71 -13.69
N ALA D 181 -10.85 -35.79 -13.19
CA ALA D 181 -12.26 -35.75 -13.57
C ALA D 181 -12.47 -35.24 -14.98
N PHE D 182 -11.82 -34.13 -15.31
CA PHE D 182 -12.01 -33.50 -16.61
C PHE D 182 -11.49 -34.43 -17.70
N ALA D 183 -10.54 -35.28 -17.32
CA ALA D 183 -9.93 -36.24 -18.24
C ALA D 183 -10.92 -37.32 -18.67
N GLU D 184 -12.00 -37.46 -17.91
CA GLU D 184 -13.05 -38.43 -18.24
C GLU D 184 -13.99 -37.87 -19.30
N TYR D 185 -13.68 -36.67 -19.78
CA TYR D 185 -14.49 -35.94 -20.75
C TYR D 185 -13.62 -35.49 -21.92
N PRO D 186 -13.79 -36.16 -23.08
CA PRO D 186 -12.92 -35.94 -24.23
C PRO D 186 -13.23 -34.63 -24.96
N ASP D 187 -14.41 -34.06 -24.70
CA ASP D 187 -14.77 -32.79 -25.33
C ASP D 187 -14.42 -31.59 -24.47
N ILE D 188 -14.02 -31.84 -23.22
CA ILE D 188 -13.61 -30.76 -22.34
C ILE D 188 -12.11 -30.56 -22.45
N LYS D 189 -11.69 -29.40 -22.95
CA LYS D 189 -10.27 -29.06 -22.98
C LYS D 189 -9.92 -28.06 -21.89
N ILE D 190 -8.94 -28.41 -21.06
CA ILE D 190 -8.37 -27.50 -20.09
C ILE D 190 -7.36 -26.59 -20.79
N VAL D 191 -7.75 -25.34 -21.06
CA VAL D 191 -6.86 -24.47 -21.83
C VAL D 191 -6.08 -23.46 -20.98
N ALA D 192 -6.28 -23.46 -19.67
CA ALA D 192 -5.52 -22.57 -18.80
C ALA D 192 -5.55 -23.03 -17.36
N SER D 193 -4.48 -22.72 -16.65
CA SER D 193 -4.35 -23.12 -15.27
C SER D 193 -3.22 -22.31 -14.63
N GLN D 194 -3.63 -21.24 -13.96
CA GLN D 194 -2.73 -20.28 -13.39
C GLN D 194 -3.12 -20.11 -11.93
N SER D 195 -2.18 -19.74 -11.06
CA SER D 195 -2.53 -19.51 -9.66
C SER D 195 -2.99 -18.09 -9.37
N ALA D 196 -3.89 -17.99 -8.39
CA ALA D 196 -4.40 -16.73 -7.85
C ALA D 196 -4.23 -16.68 -6.33
N ASN D 197 -3.51 -17.67 -5.79
CA ASN D 197 -3.05 -17.69 -4.42
C ASN D 197 -4.13 -17.56 -3.38
N TRP D 198 -5.33 -18.04 -3.66
CA TRP D 198 -6.47 -18.02 -2.73
C TRP D 198 -7.11 -16.64 -2.52
N GLU D 199 -6.70 -15.62 -3.26
CA GLU D 199 -7.27 -14.27 -3.14
C GLU D 199 -8.36 -13.94 -4.16
N THR D 200 -9.40 -13.25 -3.70
CA THR D 200 -10.47 -12.76 -4.57
C THR D 200 -9.93 -11.75 -5.57
N GLU D 201 -9.10 -10.82 -5.08
CA GLU D 201 -8.68 -9.68 -5.88
C GLU D 201 -7.70 -10.14 -6.94
N GLN D 202 -6.79 -11.02 -6.53
CA GLN D 202 -5.90 -11.68 -7.47
C GLN D 202 -6.65 -12.54 -8.49
N ALA D 203 -7.73 -13.18 -8.05
CA ALA D 203 -8.54 -14.01 -8.95
C ALA D 203 -9.26 -13.15 -9.99
N LEU D 204 -9.64 -11.94 -9.61
CA LEU D 204 -10.27 -11.01 -10.54
C LEU D 204 -9.34 -10.70 -11.70
N ASN D 205 -8.08 -10.33 -11.40
CA ASN D 205 -7.15 -10.02 -12.48
C ASN D 205 -6.95 -11.21 -13.40
N VAL D 206 -6.44 -12.30 -12.86
CA VAL D 206 -6.15 -13.52 -13.63
C VAL D 206 -7.30 -13.91 -14.57
N THR D 207 -8.52 -13.90 -14.04
CA THR D 207 -9.67 -14.29 -14.85
C THR D 207 -9.97 -13.27 -15.94
N THR D 208 -9.81 -11.98 -15.65
CA THR D 208 -10.06 -11.00 -16.70
C THR D 208 -8.99 -11.23 -17.74
N ASN D 209 -7.82 -11.72 -17.33
CA ASN D 209 -6.73 -12.03 -18.26
C ASN D 209 -6.97 -13.33 -19.03
N ILE D 210 -7.41 -14.35 -18.33
CA ILE D 210 -7.69 -15.62 -18.94
C ILE D 210 -8.79 -15.50 -19.97
N LEU D 211 -9.91 -14.87 -19.59
CA LEU D 211 -11.09 -14.85 -20.44
C LEU D 211 -10.88 -14.04 -21.71
N THR D 212 -9.87 -13.17 -21.69
CA THR D 212 -9.51 -12.36 -22.86
C THR D 212 -8.60 -13.15 -23.78
N ALA D 213 -7.84 -14.05 -23.19
CA ALA D 213 -6.91 -14.84 -23.98
C ALA D 213 -7.63 -15.96 -24.67
N ASN D 214 -8.75 -16.40 -24.11
CA ASN D 214 -9.54 -17.46 -24.75
C ASN D 214 -11.02 -17.14 -24.71
N PRO D 215 -11.54 -16.56 -25.80
CA PRO D 215 -12.94 -16.15 -25.88
C PRO D 215 -13.91 -17.33 -25.79
N ASN D 216 -13.41 -18.54 -26.08
CA ASN D 216 -14.28 -19.70 -26.14
C ASN D 216 -14.29 -20.48 -24.85
N ILE D 217 -13.97 -19.81 -23.75
CA ILE D 217 -14.04 -20.43 -22.44
C ILE D 217 -15.47 -20.46 -21.94
N ASN D 218 -15.93 -21.62 -21.49
CA ASN D 218 -17.31 -21.72 -21.00
C ASN D 218 -17.42 -22.20 -19.54
N GLY D 219 -16.29 -22.40 -18.86
CA GLY D 219 -16.30 -22.86 -17.47
C GLY D 219 -15.00 -22.69 -16.67
N ILE D 220 -15.15 -22.31 -15.41
CA ILE D 220 -14.01 -22.04 -14.54
C ILE D 220 -14.05 -22.79 -13.19
N PHE D 221 -13.08 -23.68 -13.04
CA PHE D 221 -12.78 -24.34 -11.79
C PHE D 221 -12.03 -23.36 -10.89
N ALA D 222 -12.28 -23.43 -9.60
CA ALA D 222 -11.56 -22.60 -8.67
C ALA D 222 -11.24 -23.42 -7.41
N ALA D 223 -9.97 -23.43 -7.03
CA ALA D 223 -9.47 -24.26 -5.89
C ALA D 223 -9.97 -23.87 -4.49
N ASN D 224 -10.59 -22.70 -4.38
CA ASN D 224 -11.26 -22.26 -3.13
C ASN D 224 -12.33 -21.22 -3.46
N ASP D 225 -13.21 -20.93 -2.50
CA ASP D 225 -14.38 -20.06 -2.73
C ASP D 225 -14.02 -18.61 -2.96
N ASN D 226 -13.10 -18.13 -2.14
CA ASN D 226 -12.42 -16.85 -2.34
C ASN D 226 -11.97 -16.50 -3.76
N MET D 227 -11.37 -17.46 -4.45
CA MET D 227 -11.01 -17.23 -5.84
C MET D 227 -12.24 -17.37 -6.75
N ALA D 228 -13.14 -18.28 -6.41
CA ALA D 228 -14.41 -18.41 -7.11
C ALA D 228 -15.18 -17.08 -7.19
N ILE D 229 -15.18 -16.31 -6.10
CA ILE D 229 -15.83 -14.99 -6.06
C ILE D 229 -15.21 -14.08 -7.12
N GLY D 230 -13.88 -14.10 -7.19
CA GLY D 230 -13.16 -13.23 -8.10
C GLY D 230 -13.50 -13.59 -9.53
N ALA D 231 -13.66 -14.89 -9.76
CA ALA D 231 -13.95 -15.42 -11.08
C ALA D 231 -15.30 -14.94 -11.59
N VAL D 232 -16.29 -14.97 -10.70
CA VAL D 232 -17.66 -14.55 -11.04
C VAL D 232 -17.75 -13.07 -11.34
N THR D 233 -17.03 -12.26 -10.57
CA THR D 233 -16.95 -10.83 -10.80
C THR D 233 -16.26 -10.52 -12.14
N ALA D 234 -15.38 -11.43 -12.56
CA ALA D 234 -14.68 -11.23 -13.82
C ALA D 234 -15.54 -11.62 -15.02
N VAL D 235 -16.26 -12.73 -14.92
CA VAL D 235 -17.13 -13.13 -16.03
C VAL D 235 -18.21 -12.08 -16.24
N GLU D 236 -18.61 -11.42 -15.15
CA GLU D 236 -19.72 -10.48 -15.25
C GLU D 236 -19.25 -9.10 -15.71
N ASN D 237 -17.99 -8.76 -15.42
CA ASN D 237 -17.42 -7.53 -15.99
C ASN D 237 -17.28 -7.63 -17.50
N ALA D 238 -17.51 -8.83 -18.02
CA ALA D 238 -17.24 -9.15 -19.41
C ALA D 238 -18.54 -9.41 -20.11
N GLY D 239 -19.62 -9.39 -19.35
CA GLY D 239 -20.95 -9.70 -19.85
C GLY D 239 -21.01 -11.11 -20.40
N LEU D 240 -20.38 -12.03 -19.69
CA LEU D 240 -20.42 -13.45 -20.04
C LEU D 240 -21.26 -14.20 -19.03
N ALA D 241 -22.01 -13.46 -18.22
CA ALA D 241 -22.87 -14.02 -17.20
C ALA D 241 -23.77 -15.09 -17.81
N GLY D 242 -23.89 -16.22 -17.11
CA GLY D 242 -24.67 -17.34 -17.58
C GLY D 242 -23.95 -18.18 -18.61
N LYS D 243 -22.89 -17.63 -19.19
CA LYS D 243 -22.21 -18.24 -20.32
C LYS D 243 -20.84 -18.83 -19.93
N VAL D 244 -20.34 -18.41 -18.77
CA VAL D 244 -19.18 -19.03 -18.14
C VAL D 244 -19.58 -19.49 -16.75
N LEU D 245 -19.59 -20.80 -16.52
CA LEU D 245 -19.97 -21.33 -15.21
C LEU D 245 -18.77 -21.50 -14.30
N VAL D 246 -18.94 -21.18 -13.02
CA VAL D 246 -17.85 -21.28 -12.05
C VAL D 246 -18.13 -22.35 -10.98
N SER D 247 -17.08 -23.01 -10.51
CA SER D 247 -17.18 -23.94 -9.38
C SER D 247 -16.24 -23.49 -8.29
N GLY D 248 -16.68 -23.59 -7.04
CA GLY D 248 -15.85 -23.21 -5.91
C GLY D 248 -15.56 -24.38 -4.97
N TYR D 249 -14.84 -24.09 -3.88
CA TYR D 249 -14.49 -25.09 -2.87
C TYR D 249 -14.40 -24.41 -1.52
N ASP D 250 -15.00 -25.03 -0.49
CA ASP D 250 -14.97 -24.65 0.97
C ASP D 250 -16.37 -24.54 1.57
N GLY D 251 -17.31 -24.01 0.78
CA GLY D 251 -18.66 -23.77 1.22
C GLY D 251 -18.85 -22.55 2.12
N ILE D 252 -18.04 -21.51 1.92
CA ILE D 252 -18.14 -20.27 2.72
C ILE D 252 -19.49 -19.56 2.41
N PRO D 253 -20.03 -18.83 3.41
CA PRO D 253 -21.39 -18.27 3.31
C PRO D 253 -21.72 -17.56 2.00
N LEU D 254 -20.80 -16.78 1.44
CA LEU D 254 -21.07 -16.01 0.23
C LEU D 254 -21.06 -16.88 -1.04
N ALA D 255 -20.19 -17.89 -1.05
CA ALA D 255 -20.15 -18.82 -2.17
C ALA D 255 -21.48 -19.52 -2.26
N ILE D 256 -22.02 -19.93 -1.12
CA ILE D 256 -23.30 -20.64 -1.07
C ILE D 256 -24.45 -19.73 -1.51
N GLU D 257 -24.33 -18.44 -1.24
CA GLU D 257 -25.24 -17.44 -1.80
C GLU D 257 -25.25 -17.47 -3.34
N TYR D 258 -24.06 -17.40 -3.94
CA TYR D 258 -23.95 -17.30 -5.38
C TYR D 258 -24.58 -18.51 -6.05
N VAL D 259 -24.39 -19.67 -5.45
CA VAL D 259 -24.94 -20.89 -6.03
C VAL D 259 -26.46 -20.88 -5.90
N LYS D 260 -26.96 -20.19 -4.88
CA LYS D 260 -28.40 -20.08 -4.67
C LYS D 260 -29.02 -19.15 -5.72
N GLN D 261 -28.25 -18.13 -6.14
CA GLN D 261 -28.71 -17.19 -7.14
C GLN D 261 -28.43 -17.70 -8.55
N GLY D 262 -27.41 -18.54 -8.67
CA GLY D 262 -27.06 -19.08 -9.96
C GLY D 262 -25.76 -18.49 -10.45
N LYS D 263 -25.25 -17.51 -9.71
CA LYS D 263 -23.99 -16.83 -10.03
C LYS D 263 -22.83 -17.80 -10.05
N MET D 264 -22.94 -18.83 -9.23
CA MET D 264 -22.00 -19.95 -9.18
C MET D 264 -22.72 -21.26 -9.46
N GLN D 265 -22.05 -22.21 -10.12
CA GLN D 265 -22.69 -23.47 -10.45
C GLN D 265 -22.63 -24.45 -9.26
N ASN D 266 -21.46 -24.59 -8.66
CA ASN D 266 -21.35 -25.30 -7.38
C ASN D 266 -20.15 -24.91 -6.56
N THR D 267 -20.21 -25.26 -5.28
CA THR D 267 -19.06 -25.25 -4.39
C THR D 267 -19.06 -26.57 -3.61
N ILE D 268 -17.93 -26.90 -3.00
CA ILE D 268 -17.84 -28.11 -2.16
C ILE D 268 -17.76 -27.68 -0.72
N ASP D 269 -18.79 -28.02 0.07
CA ASP D 269 -18.85 -27.62 1.48
C ASP D 269 -18.03 -28.59 2.30
N GLN D 270 -16.91 -28.07 2.77
CA GLN D 270 -15.88 -28.85 3.43
C GLN D 270 -16.27 -29.14 4.88
N LEU D 271 -17.40 -28.57 5.28
CA LEU D 271 -17.87 -28.63 6.67
C LEU D 271 -16.80 -28.17 7.64
N PRO D 272 -16.46 -26.87 7.59
CA PRO D 272 -15.46 -26.34 8.53
C PRO D 272 -15.83 -26.58 10.00
N LYS D 273 -17.11 -26.48 10.34
CA LYS D 273 -17.52 -26.50 11.73
C LYS D 273 -17.52 -27.92 12.29
N LYS D 274 -17.71 -28.90 11.42
CA LYS D 274 -17.68 -30.31 11.83
C LYS D 274 -16.23 -30.77 11.89
N GLN D 275 -15.45 -30.23 10.97
CA GLN D 275 -14.02 -30.47 10.92
C GLN D 275 -13.33 -30.08 12.24
N VAL D 276 -13.61 -28.88 12.74
CA VAL D 276 -12.96 -28.36 13.95
C VAL D 276 -13.57 -28.93 15.23
N ALA D 277 -14.85 -29.29 15.16
CA ALA D 277 -15.52 -29.93 16.29
C ALA D 277 -14.98 -31.36 16.51
N ILE D 278 -14.73 -32.07 15.42
CA ILE D 278 -14.19 -33.41 15.52
C ILE D 278 -12.78 -33.35 16.14
N ALA D 279 -12.01 -32.33 15.74
CA ALA D 279 -10.68 -32.10 16.31
C ALA D 279 -10.75 -31.89 17.82
N ILE D 280 -11.58 -30.93 18.23
CA ILE D 280 -11.83 -30.69 19.65
C ILE D 280 -12.28 -31.98 20.36
N GLU D 281 -13.15 -32.74 19.71
CA GLU D 281 -13.56 -34.04 20.23
C GLU D 281 -12.38 -35.02 20.26
N HIS D 282 -11.48 -34.88 19.28
CA HIS D 282 -10.28 -35.71 19.25
C HIS D 282 -9.25 -35.23 20.28
N ALA D 283 -9.25 -33.92 20.52
CA ALA D 283 -8.30 -33.32 21.45
C ALA D 283 -8.54 -33.73 22.91
N LEU D 284 -9.81 -33.89 23.28
CA LEU D 284 -10.17 -34.30 24.64
C LEU D 284 -9.99 -35.79 24.85
N LYS D 285 -10.28 -36.55 23.79
CA LYS D 285 -10.02 -37.97 23.76
C LYS D 285 -8.56 -38.25 24.12
N GLN D 286 -7.63 -37.48 23.55
CA GLN D 286 -6.20 -37.68 23.86
C GLN D 286 -5.90 -37.28 25.31
N ILE D 287 -6.56 -36.22 25.76
CA ILE D 287 -6.41 -35.75 27.13
C ILE D 287 -6.82 -36.84 28.13
N ASN D 288 -7.83 -37.62 27.77
CA ASN D 288 -8.29 -38.71 28.63
C ASN D 288 -7.71 -40.07 28.27
N LYS D 289 -6.53 -40.06 27.66
CA LYS D 289 -5.80 -41.28 27.34
C LYS D 289 -6.54 -42.23 26.38
N GLN D 290 -7.48 -41.68 25.61
CA GLN D 290 -8.18 -42.48 24.62
C GLN D 290 -7.52 -42.41 23.24
N GLU D 291 -7.71 -43.48 22.47
CA GLU D 291 -7.07 -43.67 21.19
C GLU D 291 -7.87 -43.02 20.05
N ILE D 292 -7.20 -42.20 19.24
CA ILE D 292 -7.84 -41.55 18.09
C ILE D 292 -7.14 -42.00 16.82
N PRO D 293 -7.85 -41.99 15.68
CA PRO D 293 -7.23 -42.44 14.42
C PRO D 293 -6.08 -41.53 13.97
N SER D 294 -5.22 -42.01 13.08
CA SER D 294 -4.16 -41.14 12.55
C SER D 294 -4.66 -40.19 11.46
N VAL D 295 -5.65 -40.60 10.67
CA VAL D 295 -6.24 -39.70 9.66
C VAL D 295 -7.77 -39.82 9.64
N TYR D 296 -8.44 -38.66 9.76
CA TYR D 296 -9.91 -38.58 9.80
C TYR D 296 -10.46 -37.60 8.78
N TYR D 297 -11.21 -38.15 7.84
CA TYR D 297 -11.84 -37.41 6.76
C TYR D 297 -13.32 -37.24 7.07
N VAL D 298 -13.79 -35.99 7.08
CA VAL D 298 -15.22 -35.74 7.10
C VAL D 298 -15.71 -35.76 5.63
N ASP D 299 -17.00 -36.05 5.42
CA ASP D 299 -17.50 -36.16 4.06
C ASP D 299 -17.92 -34.79 3.55
N PRO D 300 -17.40 -34.39 2.38
CA PRO D 300 -17.75 -33.07 1.85
C PRO D 300 -19.16 -33.10 1.31
N VAL D 301 -19.70 -31.94 1.00
CA VAL D 301 -21.01 -31.89 0.40
C VAL D 301 -20.94 -31.12 -0.91
N VAL D 302 -21.55 -31.67 -1.94
CA VAL D 302 -21.67 -30.98 -3.21
C VAL D 302 -22.88 -30.02 -3.18
N VAL D 303 -22.59 -28.72 -3.18
CA VAL D 303 -23.62 -27.70 -3.06
C VAL D 303 -23.86 -27.06 -4.43
N ASP D 304 -24.84 -27.59 -5.17
CA ASP D 304 -25.31 -26.96 -6.41
C ASP D 304 -26.66 -26.34 -6.08
N LYS D 305 -27.26 -25.60 -7.03
CA LYS D 305 -28.46 -24.79 -6.74
C LYS D 305 -29.47 -25.59 -5.95
N GLU D 306 -29.67 -26.83 -6.38
CA GLU D 306 -30.58 -27.74 -5.72
C GLU D 306 -30.28 -27.84 -4.23
N GLN D 307 -29.08 -28.33 -3.92
CA GLN D 307 -28.65 -28.55 -2.53
C GLN D 307 -28.56 -27.24 -1.72
N SER D 308 -28.53 -26.09 -2.38
CA SER D 308 -28.36 -24.83 -1.65
C SER D 308 -29.66 -24.32 -0.99
N LYS D 309 -30.82 -24.64 -1.55
CA LYS D 309 -32.08 -24.28 -0.90
C LYS D 309 -32.10 -24.86 0.51
N ASN D 310 -31.61 -26.09 0.59
CA ASN D 310 -31.38 -26.78 1.85
C ASN D 310 -30.50 -25.93 2.79
N TYR D 311 -29.63 -25.10 2.23
CA TYR D 311 -28.81 -24.20 3.04
C TYR D 311 -29.56 -22.92 3.37
C1 ALL E . -15.77 3.78 1.90
C2 ALL E . -17.16 3.27 2.25
C3 ALL E . -17.14 2.07 3.10
C4 ALL E . -16.16 1.04 2.61
C5 ALL E . -14.80 1.68 2.52
C6 ALL E . -13.70 0.72 2.23
O1 ALL E . -15.80 4.74 0.93
O2 ALL E . -17.84 4.33 2.97
O3 ALL E . -16.72 2.46 4.45
O4 ALL E . -16.14 -0.08 3.52
O5 ALL E . -14.87 2.67 1.45
O6 ALL E . -13.79 0.29 0.89
C1 ALL F . 12.71 -2.20 -10.40
C2 ALL F . 14.05 -1.58 -10.78
C3 ALL F . 14.65 -0.83 -9.69
C4 ALL F . 13.67 0.12 -9.04
C5 ALL F . 12.40 -0.64 -8.61
C6 ALL F . 11.44 0.20 -7.82
O1 ALL F . 12.14 -2.79 -11.50
O2 ALL F . 14.97 -2.63 -11.14
O3 ALL F . 15.13 -1.80 -8.71
O4 ALL F . 14.28 0.81 -7.95
O5 ALL F . 11.75 -1.23 -9.78
O6 ALL F . 11.22 1.44 -8.45
C1 ALL G . 10.50 22.43 5.95
C2 ALL G . 11.89 22.50 5.40
C3 ALL G . 11.95 22.11 3.96
C4 ALL G . 11.22 20.84 3.66
C5 ALL G . 9.85 20.85 4.28
C6 ALL G . 9.22 19.52 4.03
O1 ALL G . 10.52 22.67 7.29
O2 ALL G . 12.42 23.83 5.68
O3 ALL G . 11.37 23.11 3.05
O4 ALL G . 11.02 20.71 2.25
O5 ALL G . 9.97 21.07 5.72
O6 ALL G . 9.78 18.61 4.95
C1 ALL H . -6.90 -24.18 2.76
C2 ALL H . -8.31 -24.39 3.30
C3 ALL H . -9.36 -23.62 2.57
C4 ALL H . -8.98 -22.18 2.42
C5 ALL H . -7.69 -22.08 1.64
C6 ALL H . -7.33 -20.63 1.50
O1 ALL H . -5.99 -24.50 3.75
O2 ALL H . -8.63 -25.81 3.38
O3 ALL H . -9.68 -24.15 1.25
O4 ALL H . -10.04 -21.53 1.70
O5 ALL H . -6.59 -22.78 2.32
O6 ALL H . -6.89 -20.17 2.75
#